data_6GDP
#
_entry.id   6GDP
#
_cell.length_a   74.780
_cell.length_b   90.317
_cell.length_c   82.924
_cell.angle_alpha   90.00
_cell.angle_beta   115.72
_cell.angle_gamma   90.00
#
_symmetry.space_group_name_H-M   'P 1 21 1'
#
loop_
_entity.id
_entity.type
_entity.pdbx_description
1 polymer 'Pteridine reductase'
2 non-polymer 'NADP NICOTINAMIDE-ADENINE-DINUCLEOTIDE PHOSPHATE'
3 non-polymer 2-azanyl-~{N}-(diphenylmethyl)-1,3-benzothiazole-6-carboxamide
4 non-polymer 'ACETATE ION'
5 non-polymer GLYCEROL
6 water water
#
_entity_poly.entity_id   1
_entity_poly.type   'polypeptide(L)'
_entity_poly.pdbx_seq_one_letter_code
;MGSSHHHHHHSSGLVPRGSHMEAPAAVVTGAAKRIGRAIAVKLHQTGYRVVIHYHNSAEAAVSLADELNKERSNTAVVCQ
ADLTNSNVLPASCEEIINSCFRAFGRCDVLVNNASAFYPTPLVQGDHEDNSNGKTVETQVAELIGTNAIAPFLLTMSFAQ
RQKGTNPNCTSSNLSIVNLCDAMVDQPCMAFSLYNMGKHALVGLTQSAALELAPYGIRVNGVAPGVSLLPVAMGEEEKDK
WRRKVPLGRREASAEQIADAVIFLVSGSAQYITGSIIKVDGGLSLVHA
;
_entity_poly.pdbx_strand_id   A,B,C,D
#
loop_
_chem_comp.id
_chem_comp.type
_chem_comp.name
_chem_comp.formula
ACT non-polymer 'ACETATE ION' 'C2 H3 O2 -1'
EVW non-polymer 2-azanyl-~{N}-(diphenylmethyl)-1,3-benzothiazole-6-carboxamide 'C21 H17 N3 O S'
GOL non-polymer GLYCEROL 'C3 H8 O3'
NAP non-polymer 'NADP NICOTINAMIDE-ADENINE-DINUCLEOTIDE PHOSPHATE' 'C21 H28 N7 O17 P3'
#
# COMPACT_ATOMS: atom_id res chain seq x y z
N MET A 21 25.95 -33.70 4.73
CA MET A 21 25.41 -33.47 3.35
C MET A 21 23.88 -33.29 3.31
N GLU A 22 23.18 -33.78 4.33
CA GLU A 22 21.71 -33.76 4.31
C GLU A 22 21.00 -32.81 5.31
N ALA A 23 21.74 -32.15 6.21
CA ALA A 23 21.18 -30.99 6.89
C ALA A 23 21.25 -29.83 5.88
N PRO A 24 20.19 -28.99 5.81
CA PRO A 24 20.26 -27.85 4.89
C PRO A 24 21.25 -26.79 5.38
N ALA A 25 21.60 -25.82 4.52
CA ALA A 25 22.55 -24.78 4.89
C ALA A 25 22.00 -23.39 4.57
N ALA A 26 22.40 -22.44 5.42
CA ALA A 26 21.94 -21.05 5.23
C ALA A 26 23.08 -20.05 5.32
N VAL A 27 23.00 -18.97 4.53
CA VAL A 27 23.88 -17.81 4.70
C VAL A 27 23.07 -16.72 5.41
N VAL A 28 23.63 -16.14 6.47
CA VAL A 28 23.04 -14.94 7.11
C VAL A 28 24.04 -13.82 7.05
N THR A 29 23.69 -12.70 6.39
CA THR A 29 24.66 -11.62 6.31
C THR A 29 24.55 -10.78 7.59
N GLY A 30 25.66 -10.18 7.97
CA GLY A 30 25.70 -9.37 9.18
C GLY A 30 25.26 -10.15 10.42
N ALA A 31 25.79 -11.36 10.59
CA ALA A 31 25.27 -12.33 11.57
C ALA A 31 26.07 -12.38 12.87
N ALA A 32 27.05 -11.49 13.05
CA ALA A 32 27.87 -11.60 14.28
C ALA A 32 27.13 -11.20 15.55
N LYS A 33 26.17 -10.29 15.43
CA LYS A 33 25.52 -9.70 16.59
CA LYS A 33 25.54 -9.59 16.56
C LYS A 33 24.04 -9.44 16.31
N ARG A 34 23.30 -9.14 17.36
CA ARG A 34 21.98 -8.52 17.23
C ARG A 34 21.03 -9.41 16.44
N ILE A 35 20.25 -8.82 15.53
CA ILE A 35 19.23 -9.61 14.83
C ILE A 35 19.85 -10.71 13.98
N GLY A 36 20.94 -10.40 13.29
CA GLY A 36 21.54 -11.42 12.43
C GLY A 36 22.03 -12.65 13.21
N ARG A 37 22.63 -12.42 14.38
CA ARG A 37 23.00 -13.52 15.27
C ARG A 37 21.78 -14.30 15.74
N ALA A 38 20.70 -13.60 16.09
CA ALA A 38 19.51 -14.34 16.52
C ALA A 38 18.94 -15.24 15.41
N ILE A 39 18.96 -14.75 14.17
CA ILE A 39 18.52 -15.52 13.02
C ILE A 39 19.45 -16.73 12.82
N ALA A 40 20.75 -16.50 12.86
CA ALA A 40 21.72 -17.62 12.69
C ALA A 40 21.54 -18.66 13.79
N VAL A 41 21.36 -18.21 15.03
CA VAL A 41 21.15 -19.12 16.16
C VAL A 41 19.88 -19.95 15.96
N LYS A 42 18.77 -19.29 15.60
CA LYS A 42 17.52 -20.02 15.45
C LYS A 42 17.53 -20.97 14.25
N LEU A 43 18.18 -20.56 13.17
CA LEU A 43 18.34 -21.49 12.05
C LEU A 43 19.15 -22.71 12.50
N HIS A 44 20.21 -22.47 13.26
CA HIS A 44 21.07 -23.55 13.73
C HIS A 44 20.28 -24.49 14.64
N GLN A 45 19.47 -23.90 15.54
CA GLN A 45 18.62 -24.71 16.47
C GLN A 45 17.56 -25.55 15.72
N THR A 46 17.12 -25.06 14.56
CA THR A 46 16.20 -25.75 13.66
C THR A 46 16.87 -26.86 12.83
N GLY A 47 18.20 -26.91 12.85
CA GLY A 47 18.94 -27.96 12.13
C GLY A 47 19.76 -27.51 10.93
N TYR A 48 19.84 -26.20 10.69
CA TYR A 48 20.67 -25.70 9.58
C TYR A 48 22.12 -25.62 9.99
N ARG A 49 22.96 -25.85 8.99
CA ARG A 49 24.35 -25.41 8.99
C ARG A 49 24.35 -23.96 8.51
N VAL A 50 25.24 -23.15 9.08
CA VAL A 50 25.19 -21.69 8.81
C VAL A 50 26.54 -21.08 8.43
N VAL A 51 26.51 -20.16 7.46
CA VAL A 51 27.60 -19.22 7.18
C VAL A 51 27.28 -17.93 7.91
N ILE A 52 28.13 -17.56 8.84
CA ILE A 52 28.01 -16.30 9.59
C ILE A 52 28.85 -15.26 8.83
N HIS A 53 28.20 -14.47 7.98
CA HIS A 53 28.90 -13.37 7.31
C HIS A 53 29.10 -12.21 8.31
N TYR A 54 30.23 -11.51 8.16
CA TYR A 54 30.47 -10.35 8.97
C TYR A 54 31.41 -9.39 8.19
N HIS A 55 31.48 -8.15 8.66
CA HIS A 55 32.33 -7.16 8.00
C HIS A 55 33.45 -6.79 9.00
N ASN A 56 33.13 -6.01 10.02
CA ASN A 56 34.13 -5.59 11.05
C ASN A 56 34.13 -6.46 12.29
N SER A 57 33.05 -7.18 12.58
CA SER A 57 32.90 -7.86 13.88
C SER A 57 33.47 -9.28 13.93
N ALA A 58 34.79 -9.38 13.69
CA ALA A 58 35.50 -10.66 13.57
C ALA A 58 35.46 -11.46 14.86
N GLU A 59 35.75 -10.79 15.98
CA GLU A 59 35.77 -11.47 17.29
C GLU A 59 34.39 -12.09 17.61
N ALA A 60 33.33 -11.28 17.46
CA ALA A 60 31.95 -11.69 17.71
C ALA A 60 31.52 -12.80 16.73
N ALA A 61 31.94 -12.70 15.46
CA ALA A 61 31.57 -13.75 14.48
C ALA A 61 32.17 -15.12 14.82
N VAL A 62 33.47 -15.11 15.09
CA VAL A 62 34.20 -16.33 15.46
C VAL A 62 33.67 -16.91 16.77
N SER A 63 33.36 -16.05 17.74
CA SER A 63 32.81 -16.50 19.01
C SER A 63 31.47 -17.23 18.83
N LEU A 64 30.63 -16.68 17.94
CA LEU A 64 29.36 -17.33 17.61
C LEU A 64 29.57 -18.68 16.91
N ALA A 65 30.43 -18.70 15.89
CA ALA A 65 30.71 -19.94 15.17
C ALA A 65 31.24 -21.04 16.11
N ASP A 66 32.14 -20.66 17.01
CA ASP A 66 32.64 -21.58 18.06
C ASP A 66 31.51 -22.14 18.93
N GLU A 67 30.60 -21.28 19.42
CA GLU A 67 29.43 -21.76 20.16
C GLU A 67 28.61 -22.76 19.37
N LEU A 68 28.32 -22.44 18.09
CA LEU A 68 27.49 -23.33 17.28
C LEU A 68 28.18 -24.65 16.98
N ASN A 69 29.48 -24.60 16.73
CA ASN A 69 30.27 -25.82 16.47
C ASN A 69 30.43 -26.71 17.71
N LYS A 70 30.45 -26.11 18.89
CA LYS A 70 30.46 -26.86 20.16
C LYS A 70 29.14 -27.62 20.34
N GLU A 71 28.04 -27.01 19.90
CA GLU A 71 26.75 -27.65 19.99
C GLU A 71 26.66 -28.82 18.97
N ARG A 72 27.09 -28.60 17.73
CA ARG A 72 27.19 -29.65 16.69
C ARG A 72 28.41 -29.36 15.86
N SER A 73 29.39 -30.26 15.86
CA SER A 73 30.63 -30.01 15.11
C SER A 73 30.42 -29.81 13.60
N ASN A 74 31.25 -28.93 13.02
CA ASN A 74 31.28 -28.65 11.58
C ASN A 74 29.94 -28.14 11.03
N THR A 75 29.26 -27.30 11.81
CA THR A 75 27.95 -26.79 11.34
C THR A 75 27.92 -25.25 11.21
N ALA A 76 29.04 -24.60 11.50
CA ALA A 76 29.12 -23.15 11.38
C ALA A 76 30.48 -22.72 10.85
N VAL A 77 30.49 -21.83 9.84
CA VAL A 77 31.73 -21.15 9.37
C VAL A 77 31.48 -19.65 9.33
N VAL A 78 32.56 -18.87 9.35
CA VAL A 78 32.47 -17.42 9.13
C VAL A 78 32.90 -17.05 7.73
N CYS A 79 32.43 -15.89 7.24
CA CYS A 79 32.86 -15.40 5.94
C CYS A 79 32.90 -13.89 5.98
N GLN A 80 34.07 -13.27 5.76
CA GLN A 80 34.19 -11.81 5.86
C GLN A 80 33.95 -11.15 4.51
N ALA A 81 33.16 -10.07 4.50
CA ALA A 81 33.01 -9.25 3.28
C ALA A 81 32.46 -7.88 3.59
N ASP A 82 33.05 -6.85 2.96
CA ASP A 82 32.45 -5.54 2.90
C ASP A 82 31.34 -5.61 1.85
N LEU A 83 30.14 -5.15 2.20
CA LEU A 83 29.00 -5.11 1.27
C LEU A 83 28.69 -3.72 0.75
N THR A 84 29.60 -2.77 0.97
CA THR A 84 29.55 -1.45 0.32
C THR A 84 29.58 -1.67 -1.22
N ASN A 85 28.81 -0.87 -1.97
CA ASN A 85 28.87 -1.02 -3.43
C ASN A 85 30.26 -0.60 -3.98
N SER A 86 30.73 -1.38 -4.94
CA SER A 86 31.97 -1.07 -5.67
C SER A 86 32.00 -2.01 -6.86
N ASN A 87 33.01 -1.85 -7.73
CA ASN A 87 33.09 -2.76 -8.88
C ASN A 87 33.48 -4.20 -8.50
N VAL A 88 33.93 -4.40 -7.26
CA VAL A 88 34.21 -5.76 -6.75
C VAL A 88 33.08 -6.39 -5.93
N LEU A 89 32.05 -5.60 -5.65
CA LEU A 89 30.93 -6.17 -4.85
C LEU A 89 30.37 -7.46 -5.50
N PRO A 90 30.18 -7.52 -6.84
CA PRO A 90 29.67 -8.80 -7.38
C PRO A 90 30.56 -10.01 -7.03
N ALA A 91 31.87 -9.85 -7.12
CA ALA A 91 32.78 -10.92 -6.70
C ALA A 91 32.67 -11.27 -5.22
N SER A 92 32.53 -10.27 -4.34
CA SER A 92 32.38 -10.52 -2.90
C SER A 92 31.08 -11.30 -2.60
N CYS A 93 30.02 -10.92 -3.31
CA CYS A 93 28.73 -11.62 -3.12
C CYS A 93 28.77 -13.06 -3.65
N GLU A 94 29.40 -13.25 -4.82
CA GLU A 94 29.64 -14.59 -5.35
C GLU A 94 30.43 -15.44 -4.34
N GLU A 95 31.42 -14.82 -3.71
CA GLU A 95 32.24 -15.51 -2.74
C GLU A 95 31.49 -15.93 -1.47
N ILE A 96 30.59 -15.07 -0.98
CA ILE A 96 29.76 -15.45 0.18
C ILE A 96 28.96 -16.71 -0.15
N ILE A 97 28.33 -16.75 -1.31
CA ILE A 97 27.52 -17.93 -1.67
C ILE A 97 28.46 -19.11 -1.87
N ASN A 98 29.60 -18.86 -2.52
CA ASN A 98 30.57 -19.95 -2.69
C ASN A 98 31.05 -20.53 -1.36
N SER A 99 31.20 -19.70 -0.32
CA SER A 99 31.67 -20.19 0.98
CA SER A 99 31.65 -20.17 0.99
C SER A 99 30.69 -21.21 1.57
N CYS A 100 29.38 -21.02 1.33
CA CYS A 100 28.40 -21.95 1.80
C CYS A 100 28.54 -23.30 1.07
N PHE A 101 28.64 -23.27 -0.26
CA PHE A 101 28.88 -24.51 -1.02
C PHE A 101 30.21 -25.21 -0.64
N ARG A 102 31.27 -24.42 -0.42
CA ARG A 102 32.58 -24.99 -0.02
CA ARG A 102 32.59 -24.95 -0.02
C ARG A 102 32.50 -25.71 1.32
N ALA A 103 31.82 -25.10 2.29
CA ALA A 103 31.71 -25.67 3.61
C ALA A 103 30.73 -26.83 3.68
N PHE A 104 29.58 -26.71 2.99
CA PHE A 104 28.43 -27.57 3.27
C PHE A 104 27.85 -28.30 2.08
N GLY A 105 28.30 -27.94 0.87
CA GLY A 105 27.90 -28.63 -0.37
C GLY A 105 26.54 -28.26 -0.92
N ARG A 106 25.93 -27.24 -0.31
CA ARG A 106 24.58 -26.79 -0.70
C ARG A 106 24.33 -25.41 -0.09
N CYS A 107 23.30 -24.71 -0.57
CA CYS A 107 22.92 -23.44 0.05
C CYS A 107 21.43 -23.31 -0.19
N ASP A 108 20.69 -23.54 0.90
CA ASP A 108 19.23 -23.62 0.84
C ASP A 108 18.52 -22.31 1.11
N VAL A 109 19.14 -21.49 1.97
CA VAL A 109 18.50 -20.25 2.46
C VAL A 109 19.54 -19.13 2.46
N LEU A 110 19.10 -17.93 2.04
CA LEU A 110 19.87 -16.70 2.08
C LEU A 110 19.06 -15.71 2.90
N VAL A 111 19.65 -15.15 3.94
CA VAL A 111 18.99 -14.09 4.72
C VAL A 111 19.81 -12.80 4.55
N ASN A 112 19.18 -11.80 3.92
CA ASN A 112 19.85 -10.51 3.70
C ASN A 112 19.52 -9.58 4.88
N ASN A 113 20.39 -9.62 5.88
CA ASN A 113 20.21 -8.90 7.15
C ASN A 113 21.16 -7.70 7.29
N ALA A 114 22.39 -7.80 6.74
CA ALA A 114 23.41 -6.72 6.92
C ALA A 114 22.86 -5.39 6.43
N SER A 115 23.19 -4.33 7.16
CA SER A 115 22.62 -3.04 6.81
C SER A 115 23.42 -1.89 7.41
N ALA A 116 23.74 -0.90 6.59
CA ALA A 116 24.21 0.40 7.13
C ALA A 116 23.02 1.32 7.42
N PHE A 117 23.12 2.13 8.47
CA PHE A 117 22.01 2.97 8.90
C PHE A 117 22.59 4.23 9.57
N TYR A 118 22.36 5.38 8.95
CA TYR A 118 22.78 6.68 9.50
C TYR A 118 22.13 7.77 8.66
N PRO A 119 21.99 8.98 9.25
CA PRO A 119 21.33 10.06 8.52
C PRO A 119 22.19 10.64 7.39
N THR A 120 21.49 11.10 6.36
CA THR A 120 22.08 11.78 5.19
C THR A 120 21.17 13.00 4.93
N PRO A 121 21.37 14.10 5.70
CA PRO A 121 20.46 15.25 5.50
C PRO A 121 20.56 15.86 4.09
N LEU A 122 19.40 16.28 3.56
CA LEU A 122 19.36 16.88 2.23
C LEU A 122 19.89 18.30 2.21
N VAL A 123 19.76 19.00 3.34
CA VAL A 123 20.24 20.41 3.45
C VAL A 123 21.31 20.51 4.53
N GLN A 124 22.49 21.03 4.17
CA GLN A 124 23.67 21.13 5.07
C GLN A 124 23.65 22.38 5.95
N GLY A 133 32.49 12.33 8.19
CA GLY A 133 33.35 12.92 7.17
C GLY A 133 33.29 12.25 5.80
N LYS A 134 32.24 11.45 5.56
CA LYS A 134 32.12 10.67 4.33
C LYS A 134 31.63 11.52 3.18
N THR A 135 32.14 11.26 1.98
CA THR A 135 31.64 11.89 0.78
C THR A 135 30.22 11.35 0.53
N VAL A 136 29.43 12.11 -0.21
CA VAL A 136 28.06 11.66 -0.56
C VAL A 136 28.16 10.35 -1.38
N GLU A 137 29.17 10.23 -2.24
CA GLU A 137 29.27 9.01 -3.00
C GLU A 137 29.62 7.81 -2.12
N THR A 138 30.38 8.02 -1.05
CA THR A 138 30.58 6.95 -0.04
C THR A 138 29.25 6.58 0.66
N GLN A 139 28.49 7.59 1.04
CA GLN A 139 27.20 7.34 1.72
C GLN A 139 26.25 6.54 0.78
N VAL A 140 26.19 6.94 -0.48
CA VAL A 140 25.41 6.17 -1.45
C VAL A 140 25.91 4.71 -1.57
N ALA A 141 27.23 4.53 -1.68
CA ALA A 141 27.76 3.19 -1.82
C ALA A 141 27.45 2.31 -0.60
N GLU A 142 27.55 2.89 0.60
CA GLU A 142 27.29 2.13 1.84
C GLU A 142 25.80 1.87 2.03
N LEU A 143 24.98 2.92 1.95
CA LEU A 143 23.56 2.80 2.34
C LEU A 143 22.80 2.06 1.25
N ILE A 144 23.02 2.39 -0.02
CA ILE A 144 22.34 1.66 -1.10
C ILE A 144 23.02 0.30 -1.36
N GLY A 145 24.35 0.23 -1.24
CA GLY A 145 25.06 -1.07 -1.38
C GLY A 145 24.59 -2.10 -0.37
N THR A 146 24.69 -1.80 0.92
CA THR A 146 24.36 -2.82 1.92
C THR A 146 22.88 -3.17 1.88
N ASN A 147 22.01 -2.16 1.75
CA ASN A 147 20.59 -2.43 1.90
C ASN A 147 19.91 -2.95 0.63
N ALA A 148 20.54 -2.74 -0.52
CA ALA A 148 19.87 -3.08 -1.78
C ALA A 148 20.74 -3.79 -2.81
N ILE A 149 21.91 -3.23 -3.17
CA ILE A 149 22.67 -3.85 -4.24
CA ILE A 149 22.73 -3.80 -4.23
C ILE A 149 23.28 -5.17 -3.83
N ALA A 150 23.83 -5.24 -2.63
CA ALA A 150 24.38 -6.52 -2.17
C ALA A 150 23.26 -7.60 -2.09
N PRO A 151 22.06 -7.26 -1.54
CA PRO A 151 20.99 -8.28 -1.62
C PRO A 151 20.69 -8.75 -3.04
N PHE A 152 20.73 -7.81 -4.00
CA PHE A 152 20.48 -8.15 -5.40
C PHE A 152 21.53 -9.10 -5.92
N LEU A 153 22.81 -8.77 -5.69
CA LEU A 153 23.91 -9.61 -6.20
C LEU A 153 23.97 -10.98 -5.49
N LEU A 154 23.72 -10.98 -4.19
CA LEU A 154 23.58 -12.26 -3.47
C LEU A 154 22.43 -13.09 -3.97
N THR A 155 21.31 -12.43 -4.31
CA THR A 155 20.19 -13.12 -4.91
C THR A 155 20.58 -13.76 -6.24
N MET A 156 21.28 -12.99 -7.09
CA MET A 156 21.79 -13.54 -8.37
CA MET A 156 21.78 -13.53 -8.34
C MET A 156 22.69 -14.75 -8.15
N SER A 157 23.69 -14.63 -7.27
CA SER A 157 24.65 -15.71 -7.03
C SER A 157 23.95 -16.93 -6.46
N PHE A 158 23.00 -16.68 -5.53
CA PHE A 158 22.27 -17.78 -4.87
C PHE A 158 21.49 -18.55 -5.93
N ALA A 159 20.78 -17.82 -6.80
CA ALA A 159 19.96 -18.46 -7.81
C ALA A 159 20.79 -19.20 -8.88
N GLN A 160 21.92 -18.60 -9.25
CA GLN A 160 22.68 -19.19 -10.35
CA GLN A 160 22.80 -19.13 -10.33
C GLN A 160 23.39 -20.47 -9.91
N ARG A 161 23.67 -20.58 -8.62
CA ARG A 161 24.36 -21.75 -8.08
C ARG A 161 23.50 -22.97 -7.88
N GLN A 162 22.18 -22.83 -8.03
CA GLN A 162 21.27 -23.93 -7.73
C GLN A 162 21.35 -25.06 -8.78
N LYS A 163 21.03 -26.28 -8.35
CA LYS A 163 21.16 -27.49 -9.18
C LYS A 163 19.89 -27.71 -10.01
N SER A 172 13.70 -30.45 -1.24
CA SER A 172 14.29 -29.14 -0.92
C SER A 172 13.27 -27.97 -0.80
N ASN A 173 13.69 -26.94 -0.08
CA ASN A 173 12.81 -25.82 0.21
C ASN A 173 13.73 -24.62 0.22
N LEU A 174 13.93 -24.08 -0.97
CA LEU A 174 14.86 -22.94 -1.17
C LEU A 174 14.15 -21.62 -0.98
N SER A 175 14.76 -20.73 -0.18
CA SER A 175 14.15 -19.39 -0.06
C SER A 175 15.15 -18.32 0.37
N ILE A 176 14.73 -17.08 0.11
CA ILE A 176 15.48 -15.91 0.50
C ILE A 176 14.55 -15.11 1.42
N VAL A 177 15.13 -14.55 2.50
CA VAL A 177 14.40 -13.63 3.37
C VAL A 177 15.18 -12.33 3.48
N ASN A 178 14.52 -11.22 3.13
CA ASN A 178 15.16 -9.89 3.20
C ASN A 178 14.68 -9.13 4.43
N LEU A 179 15.60 -8.54 5.18
CA LEU A 179 15.23 -7.74 6.37
C LEU A 179 14.89 -6.33 5.88
N CYS A 180 13.59 -6.03 5.96
CA CYS A 180 13.01 -4.81 5.43
C CYS A 180 12.79 -3.84 6.62
N ASP A 181 11.87 -2.91 6.52
CA ASP A 181 11.68 -1.92 7.58
C ASP A 181 10.19 -1.54 7.54
N ALA A 182 9.48 -1.78 8.64
CA ALA A 182 8.03 -1.50 8.69
C ALA A 182 7.69 -0.03 8.56
N MET A 183 8.66 0.84 8.79
CA MET A 183 8.43 2.28 8.79
C MET A 183 8.85 2.97 7.52
N VAL A 184 9.04 2.20 6.45
CA VAL A 184 9.53 2.82 5.18
C VAL A 184 8.61 3.87 4.59
N ASP A 185 7.32 3.80 4.88
CA ASP A 185 6.40 4.85 4.44
C ASP A 185 6.16 5.97 5.42
N GLN A 186 6.76 5.90 6.62
CA GLN A 186 6.67 6.96 7.61
C GLN A 186 8.12 7.14 8.13
N PRO A 187 9.02 7.60 7.27
CA PRO A 187 10.45 7.46 7.55
C PRO A 187 10.98 8.44 8.62
N CYS A 188 12.13 8.09 9.21
CA CYS A 188 12.82 9.03 10.07
C CYS A 188 13.34 10.22 9.28
N MET A 189 13.20 11.38 9.89
CA MET A 189 13.66 12.63 9.33
C MET A 189 15.16 12.56 9.02
N ALA A 190 15.54 13.00 7.80
CA ALA A 190 16.93 13.07 7.35
C ALA A 190 17.61 11.73 7.04
N PHE A 191 16.81 10.68 6.84
CA PHE A 191 17.34 9.38 6.46
C PHE A 191 16.98 8.99 5.00
N SER A 192 17.07 9.93 4.06
CA SER A 192 16.57 9.62 2.71
CA SER A 192 16.64 9.68 2.66
C SER A 192 17.31 8.48 2.04
N LEU A 193 18.64 8.43 2.12
CA LEU A 193 19.36 7.34 1.41
C LEU A 193 19.07 5.97 2.03
N TYR A 194 19.03 5.89 3.36
CA TYR A 194 18.64 4.66 4.02
C TYR A 194 17.22 4.24 3.53
N ASN A 195 16.29 5.17 3.53
CA ASN A 195 14.92 4.83 3.17
C ASN A 195 14.86 4.42 1.68
N MET A 196 15.63 5.10 0.84
CA MET A 196 15.66 4.69 -0.56
C MET A 196 16.13 3.23 -0.70
N GLY A 197 17.18 2.90 0.05
CA GLY A 197 17.71 1.52 -0.01
C GLY A 197 16.70 0.48 0.47
N LYS A 198 15.99 0.78 1.56
CA LYS A 198 14.98 -0.18 2.03
C LYS A 198 13.77 -0.27 1.08
N HIS A 199 13.39 0.83 0.44
CA HIS A 199 12.35 0.77 -0.60
C HIS A 199 12.84 -0.07 -1.75
N ALA A 200 14.10 0.12 -2.15
CA ALA A 200 14.62 -0.72 -3.22
C ALA A 200 14.62 -2.20 -2.86
N LEU A 201 14.85 -2.50 -1.58
CA LEU A 201 14.78 -3.88 -1.10
C LEU A 201 13.37 -4.47 -1.18
N VAL A 202 12.33 -3.64 -1.00
CA VAL A 202 10.96 -4.12 -1.23
C VAL A 202 10.80 -4.47 -2.71
N GLY A 203 11.29 -3.60 -3.59
CA GLY A 203 11.21 -3.89 -5.01
C GLY A 203 11.97 -5.16 -5.40
N LEU A 204 13.17 -5.36 -4.84
CA LEU A 204 13.87 -6.62 -5.09
C LEU A 204 13.09 -7.83 -4.62
N THR A 205 12.52 -7.72 -3.43
CA THR A 205 11.72 -8.83 -2.88
C THR A 205 10.61 -9.25 -3.85
N GLN A 206 9.90 -8.27 -4.40
N GLN A 206 9.86 -8.25 -4.34
CA GLN A 206 8.78 -8.56 -5.28
CA GLN A 206 8.78 -8.47 -5.30
C GLN A 206 9.25 -9.03 -6.67
C GLN A 206 9.32 -9.05 -6.59
N SER A 207 10.24 -8.33 -7.24
CA SER A 207 10.79 -8.71 -8.54
C SER A 207 11.42 -10.10 -8.52
N ALA A 208 12.20 -10.39 -7.49
CA ALA A 208 12.86 -11.70 -7.40
C ALA A 208 11.86 -12.79 -7.07
N ALA A 209 10.81 -12.49 -6.27
CA ALA A 209 9.79 -13.55 -6.02
C ALA A 209 9.17 -13.96 -7.37
N LEU A 210 8.81 -12.97 -8.16
CA LEU A 210 8.21 -13.23 -9.47
C LEU A 210 9.13 -14.04 -10.38
N GLU A 211 10.38 -13.60 -10.49
CA GLU A 211 11.32 -14.19 -11.46
C GLU A 211 11.88 -15.55 -11.03
N LEU A 212 11.99 -15.78 -9.73
CA LEU A 212 12.59 -17.04 -9.25
C LEU A 212 11.56 -18.10 -8.89
N ALA A 213 10.29 -17.72 -8.89
CA ALA A 213 9.23 -18.69 -8.60
C ALA A 213 9.34 -19.97 -9.49
N PRO A 214 9.60 -19.82 -10.82
CA PRO A 214 9.78 -21.03 -11.68
C PRO A 214 10.88 -21.99 -11.22
N TYR A 215 11.89 -21.48 -10.49
CA TYR A 215 12.98 -22.28 -9.95
C TYR A 215 12.69 -22.85 -8.55
N GLY A 216 11.49 -22.59 -8.02
CA GLY A 216 11.12 -23.00 -6.68
C GLY A 216 11.81 -22.24 -5.55
N ILE A 217 12.34 -21.05 -5.86
CA ILE A 217 12.97 -20.21 -4.83
C ILE A 217 11.94 -19.16 -4.44
N ARG A 218 11.50 -19.24 -3.18
CA ARG A 218 10.58 -18.22 -2.63
C ARG A 218 11.39 -17.03 -2.12
N VAL A 219 10.84 -15.82 -2.19
CA VAL A 219 11.55 -14.63 -1.76
C VAL A 219 10.55 -13.77 -0.96
N ASN A 220 10.86 -13.58 0.32
CA ASN A 220 9.98 -12.90 1.23
C ASN A 220 10.76 -11.93 2.07
N GLY A 221 10.03 -11.14 2.85
CA GLY A 221 10.67 -10.17 3.74
C GLY A 221 10.11 -10.19 5.15
N VAL A 222 10.93 -9.74 6.12
CA VAL A 222 10.49 -9.48 7.49
C VAL A 222 10.81 -8.04 7.80
N ALA A 223 9.80 -7.28 8.27
CA ALA A 223 9.94 -5.84 8.43
C ALA A 223 9.79 -5.46 9.92
N PRO A 224 10.89 -5.37 10.66
CA PRO A 224 10.79 -4.84 12.04
C PRO A 224 10.35 -3.39 12.06
N GLY A 225 9.79 -2.97 13.21
CA GLY A 225 9.50 -1.53 13.46
C GLY A 225 10.65 -1.05 14.32
N VAL A 226 10.48 -1.15 15.62
CA VAL A 226 11.66 -1.00 16.48
CA VAL A 226 11.62 -0.97 16.52
C VAL A 226 11.94 -2.31 17.17
N SER A 227 13.17 -2.78 16.98
CA SER A 227 13.64 -3.98 17.64
C SER A 227 14.83 -3.47 18.44
N LEU A 228 15.93 -4.20 18.45
CA LEU A 228 17.10 -3.76 19.28
C LEU A 228 17.49 -2.37 18.86
N LEU A 229 17.45 -1.45 19.81
CA LEU A 229 17.82 -0.11 19.53
C LEU A 229 19.34 0.00 19.34
N PRO A 230 19.79 1.03 18.60
CA PRO A 230 21.22 1.16 18.32
C PRO A 230 22.03 1.23 19.63
N VAL A 231 23.23 0.62 19.63
CA VAL A 231 24.06 0.57 20.85
C VAL A 231 24.41 1.98 21.39
N ALA A 232 24.59 2.92 20.47
CA ALA A 232 24.90 4.32 20.79
C ALA A 232 23.75 5.11 21.43
N MET A 233 22.52 4.59 21.36
CA MET A 233 21.37 5.34 21.83
C MET A 233 21.26 5.32 23.35
N GLY A 234 20.99 6.47 23.97
CA GLY A 234 20.84 6.54 25.44
C GLY A 234 19.50 6.00 25.84
N GLU A 235 19.37 5.61 27.10
CA GLU A 235 18.13 5.03 27.59
C GLU A 235 16.91 5.92 27.44
N GLU A 236 17.06 7.22 27.71
CA GLU A 236 15.93 8.15 27.59
C GLU A 236 15.34 8.11 26.16
N GLU A 237 16.24 8.12 25.18
CA GLU A 237 15.86 8.12 23.77
C GLU A 237 15.22 6.77 23.40
N LYS A 238 15.84 5.66 23.84
CA LYS A 238 15.19 4.33 23.74
C LYS A 238 13.77 4.32 24.27
N ASP A 239 13.52 4.89 25.47
CA ASP A 239 12.19 4.89 26.04
C ASP A 239 11.20 5.72 25.23
N LYS A 240 11.68 6.77 24.57
CA LYS A 240 10.81 7.57 23.72
C LYS A 240 10.22 6.70 22.61
N TRP A 241 11.05 5.83 22.01
CA TRP A 241 10.58 4.97 20.94
CA TRP A 241 10.62 4.92 20.93
C TRP A 241 9.75 3.81 21.48
N ARG A 242 10.17 3.24 22.62
CA ARG A 242 9.38 2.18 23.25
C ARG A 242 7.96 2.60 23.52
N ARG A 243 7.77 3.83 23.99
CA ARG A 243 6.46 4.32 24.39
C ARG A 243 5.49 4.44 23.20
N LYS A 244 6.04 4.45 21.99
CA LYS A 244 5.20 4.60 20.78
CA LYS A 244 5.27 4.59 20.73
C LYS A 244 4.56 3.27 20.35
N VAL A 245 5.04 2.15 20.87
CA VAL A 245 4.59 0.80 20.39
C VAL A 245 3.32 0.38 21.09
N PRO A 246 2.21 0.23 20.36
CA PRO A 246 0.95 -0.15 21.01
C PRO A 246 1.02 -1.48 21.75
N LEU A 247 1.67 -2.51 21.14
CA LEU A 247 1.68 -3.83 21.76
C LEU A 247 2.85 -3.96 22.78
N GLY A 248 2.57 -3.56 24.02
CA GLY A 248 3.53 -3.74 25.12
C GLY A 248 4.47 -2.56 25.37
N ARG A 249 4.43 -1.49 24.56
CA ARG A 249 5.33 -0.33 24.77
C ARG A 249 6.77 -0.74 24.96
N ARG A 250 7.22 -1.65 24.08
CA ARG A 250 8.56 -2.16 24.11
CA ARG A 250 8.54 -2.18 24.12
C ARG A 250 8.97 -2.58 22.72
N GLU A 251 10.27 -2.59 22.49
CA GLU A 251 10.84 -3.03 21.22
C GLU A 251 10.75 -4.55 21.08
N ALA A 252 10.73 -5.03 19.82
CA ALA A 252 10.85 -6.45 19.56
C ALA A 252 12.18 -7.00 20.07
N SER A 253 12.15 -8.18 20.68
CA SER A 253 13.42 -8.88 20.91
C SER A 253 13.98 -9.37 19.56
N ALA A 254 15.30 -9.62 19.55
CA ALA A 254 15.91 -10.22 18.39
C ALA A 254 15.25 -11.55 18.05
N GLU A 255 14.93 -12.35 19.08
CA GLU A 255 14.30 -13.64 18.84
C GLU A 255 12.92 -13.50 18.18
N GLN A 256 12.19 -12.46 18.54
CA GLN A 256 10.88 -12.23 17.89
C GLN A 256 11.02 -11.98 16.39
N ILE A 257 12.02 -11.19 16.00
CA ILE A 257 12.27 -11.00 14.57
C ILE A 257 12.69 -12.34 13.93
N ALA A 258 13.61 -13.08 14.57
CA ALA A 258 14.05 -14.36 14.02
C ALA A 258 12.91 -15.36 13.87
N ASP A 259 11.93 -15.30 14.78
CA ASP A 259 10.78 -16.21 14.69
C ASP A 259 10.07 -16.05 13.34
N ALA A 260 9.97 -14.79 12.83
CA ALA A 260 9.25 -14.61 11.58
C ALA A 260 10.08 -15.11 10.39
N VAL A 261 11.41 -14.95 10.49
CA VAL A 261 12.32 -15.50 9.47
C VAL A 261 12.19 -17.03 9.39
N ILE A 262 12.21 -17.67 10.55
CA ILE A 262 12.10 -19.13 10.68
C ILE A 262 10.79 -19.61 10.05
N PHE A 263 9.69 -18.88 10.32
CA PHE A 263 8.43 -19.24 9.67
C PHE A 263 8.53 -19.19 8.14
N LEU A 264 9.08 -18.10 7.61
CA LEU A 264 9.14 -17.96 6.15
C LEU A 264 10.07 -18.96 5.45
N VAL A 265 11.09 -19.45 6.16
CA VAL A 265 11.92 -20.49 5.50
C VAL A 265 11.34 -21.89 5.65
N SER A 266 10.40 -22.04 6.58
CA SER A 266 9.84 -23.35 6.92
C SER A 266 8.86 -23.91 5.89
N GLY A 267 8.54 -25.21 6.06
CA GLY A 267 7.52 -25.89 5.24
C GLY A 267 6.11 -25.30 5.46
N SER A 268 5.93 -24.56 6.55
CA SER A 268 4.63 -23.92 6.82
C SER A 268 4.40 -22.68 5.96
N ALA A 269 5.39 -22.29 5.17
CA ALA A 269 5.28 -21.12 4.28
C ALA A 269 5.54 -21.47 2.82
N GLN A 270 5.34 -22.75 2.45
CA GLN A 270 5.65 -23.24 1.12
CA GLN A 270 5.79 -23.13 1.13
C GLN A 270 4.94 -22.57 -0.05
N TYR A 271 3.80 -21.90 0.23
CA TYR A 271 3.05 -21.24 -0.87
C TYR A 271 3.26 -19.70 -0.77
N ILE A 272 4.06 -19.27 0.19
CA ILE A 272 4.28 -17.81 0.42
C ILE A 272 5.51 -17.32 -0.34
N THR A 273 5.29 -16.40 -1.25
CA THR A 273 6.37 -15.71 -1.93
C THR A 273 5.94 -14.31 -2.26
N GLY A 274 6.90 -13.38 -2.13
CA GLY A 274 6.62 -11.97 -2.36
C GLY A 274 5.92 -11.30 -1.21
N SER A 275 5.89 -11.95 -0.05
CA SER A 275 5.23 -11.36 1.15
C SER A 275 6.24 -10.73 2.08
N ILE A 276 5.86 -9.58 2.63
CA ILE A 276 6.68 -8.92 3.67
C ILE A 276 5.84 -8.90 4.93
N ILE A 277 6.33 -9.61 5.95
CA ILE A 277 5.61 -9.72 7.25
C ILE A 277 6.15 -8.61 8.17
N LYS A 278 5.28 -7.67 8.55
CA LYS A 278 5.66 -6.68 9.59
CA LYS A 278 5.62 -6.68 9.54
C LYS A 278 5.70 -7.37 10.93
N VAL A 279 6.75 -7.08 11.70
CA VAL A 279 6.87 -7.56 13.10
C VAL A 279 7.16 -6.30 13.89
N ASP A 280 6.09 -5.53 14.13
CA ASP A 280 6.26 -4.17 14.62
C ASP A 280 5.36 -3.75 15.80
N GLY A 281 4.64 -4.71 16.37
CA GLY A 281 3.84 -4.41 17.56
C GLY A 281 2.79 -3.33 17.33
N GLY A 282 2.43 -3.12 16.04
CA GLY A 282 1.46 -2.08 15.68
C GLY A 282 2.03 -0.69 15.44
N LEU A 283 3.37 -0.53 15.52
CA LEU A 283 4.00 0.82 15.46
C LEU A 283 3.57 1.60 14.18
N SER A 284 3.60 0.90 13.03
CA SER A 284 3.27 1.54 11.75
C SER A 284 1.81 1.99 11.66
N LEU A 285 0.96 1.52 12.56
CA LEU A 285 -0.45 1.95 12.56
C LEU A 285 -0.70 3.24 13.31
N VAL A 286 0.32 3.72 14.02
CA VAL A 286 0.14 4.84 14.95
C VAL A 286 0.34 6.16 14.22
N HIS A 287 -0.70 6.98 14.17
CA HIS A 287 -0.54 8.33 13.55
C HIS A 287 0.35 9.30 14.37
N ALA A 288 0.73 10.39 13.72
CA ALA A 288 1.54 11.44 14.33
C ALA A 288 0.93 11.98 15.61
N MET B 21 -9.51 -27.46 31.46
CA MET B 21 -9.57 -25.95 31.48
C MET B 21 -8.25 -25.29 31.04
N GLU B 22 -7.18 -26.09 30.99
CA GLU B 22 -5.84 -25.66 30.60
C GLU B 22 -5.63 -25.49 29.06
N ALA B 23 -6.38 -26.24 28.24
CA ALA B 23 -6.28 -26.10 26.76
C ALA B 23 -6.97 -24.82 26.30
N PRO B 24 -6.32 -24.07 25.39
CA PRO B 24 -7.02 -22.87 24.89
C PRO B 24 -8.20 -23.22 23.98
N ALA B 25 -9.02 -22.22 23.66
CA ALA B 25 -10.20 -22.45 22.82
C ALA B 25 -10.28 -21.43 21.69
N ALA B 26 -10.82 -21.85 20.52
CA ALA B 26 -10.92 -20.96 19.36
C ALA B 26 -12.31 -21.04 18.76
N VAL B 27 -12.78 -19.93 18.22
CA VAL B 27 -13.98 -19.88 17.38
C VAL B 27 -13.50 -19.75 15.94
N VAL B 28 -14.01 -20.58 15.05
CA VAL B 28 -13.72 -20.42 13.60
C VAL B 28 -15.06 -20.28 12.89
N THR B 29 -15.27 -19.14 12.23
CA THR B 29 -16.55 -18.99 11.49
C THR B 29 -16.48 -19.70 10.11
N GLY B 30 -17.62 -20.19 9.66
CA GLY B 30 -17.72 -20.90 8.35
C GLY B 30 -16.75 -22.09 8.35
N ALA B 31 -16.77 -22.89 9.41
CA ALA B 31 -15.73 -23.91 9.60
C ALA B 31 -16.13 -25.30 9.13
N ALA B 32 -17.32 -25.44 8.53
CA ALA B 32 -17.79 -26.81 8.15
C ALA B 32 -16.98 -27.35 6.96
N LYS B 33 -16.51 -26.49 6.07
CA LYS B 33 -15.96 -26.93 4.78
C LYS B 33 -14.70 -26.13 4.40
N ARG B 34 -13.92 -26.69 3.46
CA ARG B 34 -12.91 -25.91 2.72
C ARG B 34 -11.90 -25.25 3.69
N ILE B 35 -11.62 -23.94 3.53
CA ILE B 35 -10.54 -23.33 4.33
C ILE B 35 -10.87 -23.31 5.81
N GLY B 36 -12.11 -22.94 6.15
CA GLY B 36 -12.46 -22.90 7.57
C GLY B 36 -12.32 -24.27 8.27
N ARG B 37 -12.69 -25.33 7.55
CA ARG B 37 -12.51 -26.69 8.07
C ARG B 37 -11.05 -26.99 8.35
N ALA B 38 -10.18 -26.63 7.41
CA ALA B 38 -8.75 -26.92 7.56
C ALA B 38 -8.16 -26.12 8.70
N ILE B 39 -8.62 -24.87 8.88
CA ILE B 39 -8.23 -24.09 10.03
C ILE B 39 -8.67 -24.71 11.36
N ALA B 40 -9.93 -25.15 11.44
CA ALA B 40 -10.43 -25.78 12.63
C ALA B 40 -9.63 -27.06 12.95
N VAL B 41 -9.36 -27.88 11.92
CA VAL B 41 -8.55 -29.12 12.11
C VAL B 41 -7.14 -28.81 12.63
N LYS B 42 -6.44 -27.84 12.01
CA LYS B 42 -5.10 -27.51 12.45
C LYS B 42 -5.06 -26.91 13.84
N LEU B 43 -6.03 -26.07 14.15
CA LEU B 43 -6.09 -25.55 15.51
C LEU B 43 -6.27 -26.71 16.49
N HIS B 44 -7.16 -27.64 16.16
CA HIS B 44 -7.39 -28.80 17.06
C HIS B 44 -6.12 -29.63 17.21
N GLN B 45 -5.44 -29.87 16.10
CA GLN B 45 -4.14 -30.60 16.14
C GLN B 45 -3.08 -29.92 17.00
N THR B 46 -3.13 -28.59 17.08
CA THR B 46 -2.23 -27.76 17.87
C THR B 46 -2.60 -27.77 19.35
N GLY B 47 -3.78 -28.30 19.67
CA GLY B 47 -4.23 -28.41 21.05
C GLY B 47 -5.39 -27.52 21.48
N TYR B 48 -6.01 -26.83 20.51
CA TYR B 48 -7.16 -26.00 20.84
C TYR B 48 -8.46 -26.83 20.88
N ARG B 49 -9.37 -26.40 21.76
CA ARG B 49 -10.78 -26.80 21.67
C ARG B 49 -11.40 -25.80 20.68
N VAL B 50 -12.39 -26.25 19.91
CA VAL B 50 -12.93 -25.42 18.82
CA VAL B 50 -12.91 -25.45 18.80
C VAL B 50 -14.43 -25.34 18.79
N VAL B 51 -14.93 -24.12 18.56
CA VAL B 51 -16.32 -23.89 18.15
C VAL B 51 -16.36 -23.82 16.62
N ILE B 52 -17.07 -24.74 16.01
CA ILE B 52 -17.23 -24.85 14.55
C ILE B 52 -18.51 -24.09 14.23
N HIS B 53 -18.39 -22.83 13.81
CA HIS B 53 -19.57 -22.10 13.42
C HIS B 53 -19.96 -22.51 11.96
N TYR B 54 -21.25 -22.57 11.70
CA TYR B 54 -21.75 -22.84 10.34
C TYR B 54 -23.06 -22.12 10.11
N HIS B 55 -23.47 -22.03 8.84
CA HIS B 55 -24.73 -21.41 8.52
C HIS B 55 -25.70 -22.47 7.96
N ASN B 56 -25.43 -22.92 6.73
CA ASN B 56 -26.24 -23.94 6.09
C ASN B 56 -25.67 -25.33 6.15
N SER B 57 -24.38 -25.50 6.43
CA SER B 57 -23.77 -26.82 6.26
C SER B 57 -23.77 -27.63 7.59
N ALA B 58 -24.96 -27.90 8.12
CA ALA B 58 -25.06 -28.61 9.42
C ALA B 58 -24.41 -30.00 9.42
N GLU B 59 -24.73 -30.79 8.40
CA GLU B 59 -24.22 -32.14 8.34
C GLU B 59 -22.69 -32.17 8.34
N ALA B 60 -22.08 -31.29 7.54
CA ALA B 60 -20.63 -31.23 7.48
C ALA B 60 -20.02 -30.70 8.80
N ALA B 61 -20.67 -29.73 9.43
CA ALA B 61 -20.18 -29.18 10.71
C ALA B 61 -20.18 -30.25 11.80
N VAL B 62 -21.30 -30.99 11.85
CA VAL B 62 -21.47 -32.04 12.84
C VAL B 62 -20.51 -33.18 12.56
N SER B 63 -20.31 -33.52 11.28
CA SER B 63 -19.32 -34.55 10.93
CA SER B 63 -19.32 -34.53 10.92
C SER B 63 -17.91 -34.16 11.39
N LEU B 64 -17.56 -32.88 11.23
CA LEU B 64 -16.25 -32.44 11.71
C LEU B 64 -16.15 -32.52 13.25
N ALA B 65 -17.17 -32.03 13.94
CA ALA B 65 -17.15 -32.04 15.42
C ALA B 65 -17.02 -33.48 15.91
N ASP B 66 -17.75 -34.39 15.28
CA ASP B 66 -17.68 -35.79 15.74
C ASP B 66 -16.28 -36.37 15.50
N GLU B 67 -15.67 -36.06 14.34
CA GLU B 67 -14.28 -36.52 14.05
C GLU B 67 -13.33 -35.97 15.13
N LEU B 68 -13.45 -34.69 15.45
CA LEU B 68 -12.57 -34.05 16.43
C LEU B 68 -12.75 -34.57 17.86
N ASN B 69 -14.00 -34.84 18.22
CA ASN B 69 -14.29 -35.38 19.54
C ASN B 69 -13.88 -36.85 19.67
N LYS B 70 -13.86 -37.57 18.55
CA LYS B 70 -13.32 -38.93 18.55
C LYS B 70 -11.83 -38.89 18.83
N GLU B 71 -11.13 -37.90 18.28
CA GLU B 71 -9.71 -37.71 18.58
C GLU B 71 -9.48 -37.32 20.04
N ARG B 72 -10.24 -36.38 20.58
CA ARG B 72 -10.15 -35.99 22.01
C ARG B 72 -11.53 -35.59 22.47
N SER B 73 -12.08 -36.32 23.43
CA SER B 73 -13.43 -36.04 23.92
CA SER B 73 -13.44 -36.05 23.91
C SER B 73 -13.64 -34.62 24.41
N ASN B 74 -14.81 -34.06 24.08
CA ASN B 74 -15.25 -32.75 24.59
C ASN B 74 -14.33 -31.62 24.20
N THR B 75 -13.88 -31.67 22.95
CA THR B 75 -13.01 -30.59 22.45
C THR B 75 -13.59 -29.85 21.23
N ALA B 76 -14.81 -30.21 20.81
CA ALA B 76 -15.43 -29.54 19.65
C ALA B 76 -16.90 -29.43 19.85
N VAL B 77 -17.45 -28.25 19.54
CA VAL B 77 -18.91 -28.08 19.46
C VAL B 77 -19.23 -27.33 18.17
N VAL B 78 -20.50 -27.36 17.75
CA VAL B 78 -20.97 -26.55 16.61
C VAL B 78 -21.83 -25.40 17.09
N CYS B 79 -21.91 -24.32 16.30
CA CYS B 79 -22.76 -23.17 16.61
C CYS B 79 -23.32 -22.66 15.31
N GLN B 80 -24.64 -22.74 15.14
CA GLN B 80 -25.25 -22.23 13.88
C GLN B 80 -25.58 -20.74 13.96
N ALA B 81 -25.28 -20.00 12.89
CA ALA B 81 -25.75 -18.61 12.79
C ALA B 81 -25.65 -18.10 11.38
N ASP B 82 -26.63 -17.30 10.97
CA ASP B 82 -26.53 -16.49 9.75
C ASP B 82 -25.76 -15.23 10.11
N LEU B 83 -24.74 -14.93 9.29
CA LEU B 83 -23.89 -13.74 9.52
C LEU B 83 -24.21 -12.58 8.55
N THR B 84 -25.33 -12.70 7.83
CA THR B 84 -25.89 -11.57 7.07
C THR B 84 -26.19 -10.41 8.04
N ASN B 85 -25.91 -9.18 7.58
CA ASN B 85 -26.26 -8.04 8.43
C ASN B 85 -27.79 -7.88 8.60
N SER B 86 -28.17 -7.62 9.85
CA SER B 86 -29.58 -7.39 10.22
C SER B 86 -29.62 -6.83 11.64
N ASN B 87 -30.82 -6.49 12.14
CA ASN B 87 -31.04 -6.04 13.51
CA ASN B 87 -30.85 -5.98 13.49
C ASN B 87 -30.58 -7.03 14.58
N VAL B 88 -30.58 -8.32 14.22
CA VAL B 88 -30.25 -9.40 15.16
C VAL B 88 -28.79 -9.85 15.06
N LEU B 89 -28.07 -9.34 14.04
CA LEU B 89 -26.65 -9.74 13.91
C LEU B 89 -25.78 -9.52 15.17
N PRO B 90 -25.87 -8.36 15.85
CA PRO B 90 -25.08 -8.20 17.08
C PRO B 90 -25.37 -9.28 18.12
N ALA B 91 -26.64 -9.60 18.33
CA ALA B 91 -26.98 -10.67 19.26
C ALA B 91 -26.44 -12.04 18.82
N SER B 92 -26.55 -12.33 17.52
CA SER B 92 -25.99 -13.58 16.96
C SER B 92 -24.48 -13.69 17.23
N CYS B 93 -23.79 -12.58 17.02
CA CYS B 93 -22.34 -12.61 17.18
C CYS B 93 -21.95 -12.73 18.65
N GLU B 94 -22.69 -12.04 19.53
CA GLU B 94 -22.50 -12.23 20.97
C GLU B 94 -22.71 -13.70 21.38
N GLU B 95 -23.72 -14.34 20.80
CA GLU B 95 -24.05 -15.74 21.05
CA GLU B 95 -24.00 -15.73 21.12
C GLU B 95 -22.93 -16.70 20.61
N ILE B 96 -22.31 -16.40 19.45
CA ILE B 96 -21.19 -17.23 18.98
C ILE B 96 -20.03 -17.22 19.96
N ILE B 97 -19.64 -16.02 20.41
CA ILE B 97 -18.56 -15.91 21.40
C ILE B 97 -18.99 -16.57 22.72
N ASN B 98 -20.23 -16.30 23.15
CA ASN B 98 -20.76 -16.91 24.37
C ASN B 98 -20.69 -18.44 24.31
N SER B 99 -20.95 -19.01 23.13
CA SER B 99 -20.92 -20.48 22.96
CA SER B 99 -20.91 -20.48 22.97
C SER B 99 -19.54 -21.06 23.30
N CYS B 100 -18.48 -20.30 22.96
CA CYS B 100 -17.14 -20.74 23.28
C CYS B 100 -16.92 -20.72 24.80
N PHE B 101 -17.34 -19.65 25.48
CA PHE B 101 -17.20 -19.60 26.97
C PHE B 101 -18.04 -20.66 27.68
N ARG B 102 -19.27 -20.88 27.22
CA ARG B 102 -20.12 -21.91 27.82
C ARG B 102 -19.53 -23.31 27.64
N ALA B 103 -18.98 -23.61 26.45
CA ALA B 103 -18.39 -24.95 26.19
C ALA B 103 -17.06 -25.15 26.89
N PHE B 104 -16.20 -24.12 26.90
CA PHE B 104 -14.81 -24.33 27.24
C PHE B 104 -14.26 -23.40 28.32
N GLY B 105 -15.06 -22.43 28.74
CA GLY B 105 -14.73 -21.53 29.85
C GLY B 105 -13.76 -20.43 29.52
N ARG B 106 -13.48 -20.30 28.21
CA ARG B 106 -12.48 -19.31 27.75
C ARG B 106 -12.63 -19.18 26.24
N CYS B 107 -12.10 -18.09 25.70
CA CYS B 107 -12.05 -17.92 24.23
C CYS B 107 -10.77 -17.17 23.93
N ASP B 108 -9.78 -17.89 23.41
CA ASP B 108 -8.45 -17.33 23.18
C ASP B 108 -8.27 -16.81 21.77
N VAL B 109 -8.95 -17.44 20.81
CA VAL B 109 -8.69 -17.15 19.38
C VAL B 109 -10.03 -17.00 18.68
N LEU B 110 -10.12 -15.97 17.82
CA LEU B 110 -11.26 -15.82 16.90
C LEU B 110 -10.71 -15.80 15.47
N VAL B 111 -11.23 -16.68 14.60
CA VAL B 111 -10.88 -16.65 13.15
C VAL B 111 -12.11 -16.29 12.37
N ASN B 112 -12.05 -15.10 11.75
CA ASN B 112 -13.15 -14.62 10.91
C ASN B 112 -12.92 -15.13 9.49
N ASN B 113 -13.48 -16.29 9.21
CA ASN B 113 -13.32 -16.96 7.91
C ASN B 113 -14.55 -16.95 7.03
N ALA B 114 -15.75 -17.01 7.62
CA ALA B 114 -17.01 -17.09 6.83
C ALA B 114 -17.11 -15.93 5.85
N SER B 115 -17.63 -16.23 4.66
CA SER B 115 -17.63 -15.21 3.62
C SER B 115 -18.63 -15.53 2.53
N ALA B 116 -19.43 -14.54 2.12
CA ALA B 116 -20.24 -14.64 0.89
C ALA B 116 -19.41 -14.04 -0.25
N PHE B 117 -19.56 -14.59 -1.44
CA PHE B 117 -18.76 -14.20 -2.59
C PHE B 117 -19.57 -14.47 -3.87
N TYR B 118 -19.95 -13.39 -4.54
CA TYR B 118 -20.65 -13.49 -5.82
C TYR B 118 -20.66 -12.10 -6.44
N PRO B 119 -20.86 -12.01 -7.76
CA PRO B 119 -20.78 -10.72 -8.43
C PRO B 119 -22.01 -9.85 -8.16
N THR B 120 -21.77 -8.54 -8.15
CA THR B 120 -22.82 -7.52 -8.01
C THR B 120 -22.52 -6.41 -9.05
N PRO B 121 -22.88 -6.64 -10.32
CA PRO B 121 -22.53 -5.64 -11.36
C PRO B 121 -23.18 -4.28 -11.12
N LEU B 122 -22.44 -3.24 -11.46
CA LEU B 122 -22.89 -1.87 -11.26
C LEU B 122 -23.91 -1.53 -12.34
N VAL B 123 -23.76 -2.13 -13.51
CA VAL B 123 -24.71 -1.85 -14.61
C VAL B 123 -25.44 -3.08 -15.12
N GLN B 124 -26.75 -2.88 -15.33
CA GLN B 124 -27.73 -3.93 -15.65
C GLN B 124 -28.02 -4.02 -17.16
N GLY B 133 -31.87 -13.43 -7.94
CA GLY B 133 -33.07 -12.60 -7.82
C GLY B 133 -33.09 -11.75 -6.55
N LYS B 134 -31.93 -11.60 -5.92
CA LYS B 134 -31.79 -10.85 -4.66
C LYS B 134 -31.84 -9.35 -4.92
N THR B 135 -32.51 -8.62 -4.03
CA THR B 135 -32.46 -7.16 -4.08
C THR B 135 -31.01 -6.73 -3.78
N VAL B 136 -30.67 -5.52 -4.21
CA VAL B 136 -29.35 -4.96 -3.90
C VAL B 136 -29.15 -4.79 -2.38
N GLU B 137 -30.19 -4.46 -1.60
CA GLU B 137 -29.98 -4.37 -0.16
C GLU B 137 -29.75 -5.72 0.50
N THR B 138 -30.32 -6.80 -0.06
CA THR B 138 -29.93 -8.14 0.41
C THR B 138 -28.45 -8.43 0.09
N GLN B 139 -28.01 -8.05 -1.12
CA GLN B 139 -26.61 -8.28 -1.50
CA GLN B 139 -26.60 -8.22 -1.55
C GLN B 139 -25.66 -7.50 -0.58
N VAL B 140 -26.02 -6.25 -0.26
CA VAL B 140 -25.26 -5.48 0.73
C VAL B 140 -25.20 -6.21 2.07
N ALA B 141 -26.37 -6.65 2.55
CA ALA B 141 -26.43 -7.29 3.86
C ALA B 141 -25.57 -8.56 3.90
N GLU B 142 -25.61 -9.33 2.82
CA GLU B 142 -24.86 -10.57 2.79
C GLU B 142 -23.36 -10.35 2.62
N LEU B 143 -23.00 -9.54 1.61
CA LEU B 143 -21.56 -9.40 1.24
C LEU B 143 -20.85 -8.51 2.25
N ILE B 144 -21.45 -7.40 2.65
CA ILE B 144 -20.83 -6.54 3.67
C ILE B 144 -21.01 -7.13 5.08
N GLY B 145 -22.15 -7.78 5.36
CA GLY B 145 -22.33 -8.42 6.67
C GLY B 145 -21.32 -9.54 6.93
N THR B 146 -21.24 -10.53 6.02
CA THR B 146 -20.33 -11.64 6.28
C THR B 146 -18.87 -11.21 6.31
N ASN B 147 -18.47 -10.38 5.35
CA ASN B 147 -17.07 -10.06 5.19
C ASN B 147 -16.55 -9.00 6.10
N ALA B 148 -17.46 -8.18 6.65
CA ALA B 148 -17.00 -7.03 7.42
C ALA B 148 -17.75 -6.77 8.74
N ILE B 149 -19.07 -6.67 8.67
CA ILE B 149 -19.85 -6.32 9.87
CA ILE B 149 -19.81 -6.30 9.88
C ILE B 149 -19.82 -7.42 10.94
N ALA B 150 -20.05 -8.66 10.51
CA ALA B 150 -19.99 -9.79 11.48
C ALA B 150 -18.57 -9.88 12.09
N PRO B 151 -17.48 -9.79 11.26
CA PRO B 151 -16.15 -9.72 11.92
C PRO B 151 -16.01 -8.59 12.97
N PHE B 152 -16.55 -7.41 12.67
CA PHE B 152 -16.51 -6.31 13.64
C PHE B 152 -17.29 -6.65 14.91
N LEU B 153 -18.51 -7.15 14.75
CA LEU B 153 -19.36 -7.50 15.93
C LEU B 153 -18.75 -8.65 16.76
N LEU B 154 -18.20 -9.67 16.05
CA LEU B 154 -17.50 -10.75 16.73
C LEU B 154 -16.27 -10.23 17.48
N THR B 155 -15.54 -9.31 16.87
CA THR B 155 -14.38 -8.68 17.50
C THR B 155 -14.80 -7.90 18.77
N MET B 156 -15.91 -7.15 18.68
CA MET B 156 -16.44 -6.44 19.87
CA MET B 156 -16.40 -6.43 19.85
C MET B 156 -16.78 -7.41 20.99
N SER B 157 -17.53 -8.46 20.65
CA SER B 157 -17.95 -9.46 21.65
C SER B 157 -16.73 -10.19 22.24
N PHE B 158 -15.77 -10.54 21.38
CA PHE B 158 -14.55 -11.23 21.83
C PHE B 158 -13.80 -10.36 22.85
N ALA B 159 -13.61 -9.09 22.53
CA ALA B 159 -12.84 -8.17 23.40
C ALA B 159 -13.59 -7.87 24.70
N GLN B 160 -14.91 -7.69 24.63
CA GLN B 160 -15.71 -7.36 25.81
C GLN B 160 -15.64 -8.49 26.83
N ARG B 161 -15.56 -9.71 26.34
CA ARG B 161 -15.37 -10.88 27.23
C ARG B 161 -13.98 -10.99 27.87
N GLN B 162 -13.04 -10.18 27.40
CA GLN B 162 -11.67 -10.20 27.97
CA GLN B 162 -11.67 -10.17 27.89
C GLN B 162 -11.30 -8.86 28.65
N LYS B 163 -12.24 -7.91 28.74
CA LYS B 163 -11.93 -6.56 29.30
C LYS B 163 -11.42 -6.53 30.75
N SER B 171 0.97 -16.18 30.58
CA SER B 171 0.44 -17.42 29.99
C SER B 171 -0.44 -17.19 28.74
N SER B 172 -1.22 -16.10 28.74
CA SER B 172 -2.26 -15.89 27.73
C SER B 172 -1.70 -15.41 26.39
N ASN B 173 -2.34 -15.83 25.30
CA ASN B 173 -1.94 -15.42 23.97
C ASN B 173 -3.23 -15.29 23.16
N LEU B 174 -3.89 -14.16 23.34
CA LEU B 174 -5.21 -13.87 22.71
C LEU B 174 -4.97 -13.26 21.34
N SER B 175 -5.67 -13.77 20.34
CA SER B 175 -5.57 -13.11 19.03
C SER B 175 -6.74 -13.38 18.14
N ILE B 176 -6.86 -12.51 17.15
CA ILE B 176 -7.92 -12.62 16.12
C ILE B 176 -7.22 -12.71 14.76
N VAL B 177 -7.70 -13.59 13.87
CA VAL B 177 -7.15 -13.67 12.50
C VAL B 177 -8.32 -13.51 11.54
N ASN B 178 -8.20 -12.53 10.66
CA ASN B 178 -9.22 -12.25 9.63
C ASN B 178 -8.76 -12.78 8.29
N LEU B 179 -9.65 -13.50 7.61
CA LEU B 179 -9.34 -14.03 6.28
C LEU B 179 -9.66 -12.94 5.28
N CYS B 180 -8.57 -12.37 4.75
CA CYS B 180 -8.59 -11.24 3.82
C CYS B 180 -8.48 -11.76 2.38
N ASP B 181 -7.98 -10.95 1.45
CA ASP B 181 -7.93 -11.35 0.05
C ASP B 181 -6.73 -10.65 -0.59
N ALA B 182 -5.76 -11.42 -1.09
CA ALA B 182 -4.57 -10.80 -1.64
C ALA B 182 -4.81 -9.95 -2.88
N MET B 183 -5.98 -10.11 -3.49
CA MET B 183 -6.28 -9.43 -4.75
C MET B 183 -7.17 -8.21 -4.59
N VAL B 184 -7.26 -7.67 -3.38
CA VAL B 184 -8.19 -6.56 -3.11
C VAL B 184 -7.92 -5.31 -3.94
N ASP B 185 -6.66 -5.11 -4.30
CA ASP B 185 -6.31 -3.97 -5.16
C ASP B 185 -6.29 -4.26 -6.65
N GLN B 186 -6.54 -5.51 -7.06
CA GLN B 186 -6.64 -5.87 -8.47
C GLN B 186 -7.88 -6.76 -8.56
N PRO B 187 -9.03 -6.14 -8.34
CA PRO B 187 -10.21 -7.00 -8.06
C PRO B 187 -10.83 -7.68 -9.29
N CYS B 188 -11.59 -8.75 -9.04
CA CYS B 188 -12.38 -9.33 -10.13
C CYS B 188 -13.44 -8.36 -10.62
N MET B 189 -13.60 -8.36 -11.95
CA MET B 189 -14.61 -7.55 -12.59
C MET B 189 -16.02 -7.81 -12.02
N ALA B 190 -16.73 -6.74 -11.67
CA ALA B 190 -18.13 -6.79 -11.25
C ALA B 190 -18.35 -7.38 -9.84
N PHE B 191 -17.28 -7.36 -9.02
CA PHE B 191 -17.37 -7.80 -7.61
C PHE B 191 -17.24 -6.62 -6.62
N SER B 192 -17.88 -5.48 -6.91
CA SER B 192 -17.62 -4.30 -6.10
CA SER B 192 -17.70 -4.27 -6.10
C SER B 192 -18.03 -4.49 -4.63
N LEU B 193 -19.21 -5.06 -4.35
CA LEU B 193 -19.61 -5.21 -2.95
C LEU B 193 -18.70 -6.17 -2.18
N TYR B 194 -18.35 -7.31 -2.81
CA TYR B 194 -17.40 -8.23 -2.19
C TYR B 194 -16.08 -7.49 -1.88
N ASN B 195 -15.58 -6.75 -2.86
CA ASN B 195 -14.28 -6.06 -2.70
CA ASN B 195 -14.28 -6.08 -2.65
C ASN B 195 -14.35 -4.97 -1.61
N MET B 196 -15.48 -4.27 -1.58
CA MET B 196 -15.72 -3.29 -0.51
C MET B 196 -15.67 -3.98 0.85
N GLY B 197 -16.31 -5.14 0.96
CA GLY B 197 -16.31 -5.84 2.27
C GLY B 197 -14.90 -6.27 2.66
N LYS B 198 -14.14 -6.81 1.69
CA LYS B 198 -12.77 -7.20 2.04
C LYS B 198 -11.84 -6.01 2.36
N HIS B 199 -12.03 -4.87 1.67
CA HIS B 199 -11.27 -3.67 2.06
C HIS B 199 -11.69 -3.22 3.48
N ALA B 200 -13.00 -3.28 3.80
CA ALA B 200 -13.43 -2.93 5.16
C ALA B 200 -12.76 -3.84 6.19
N LEU B 201 -12.57 -5.11 5.83
CA LEU B 201 -11.93 -6.05 6.75
C LEU B 201 -10.46 -5.70 6.99
N VAL B 202 -9.77 -5.16 6.00
CA VAL B 202 -8.40 -4.66 6.22
C VAL B 202 -8.45 -3.52 7.24
N GLY B 203 -9.41 -2.60 7.05
CA GLY B 203 -9.59 -1.52 8.00
C GLY B 203 -9.84 -2.02 9.42
N LEU B 204 -10.73 -2.99 9.53
CA LEU B 204 -11.00 -3.55 10.86
C LEU B 204 -9.73 -4.14 11.46
N THR B 205 -8.99 -4.92 10.66
CA THR B 205 -7.78 -5.57 11.17
C THR B 205 -6.83 -4.50 11.74
N GLN B 206 -6.65 -3.41 11.01
CA GLN B 206 -5.76 -2.35 11.49
C GLN B 206 -6.32 -1.59 12.69
N SER B 207 -7.58 -1.16 12.59
CA SER B 207 -8.19 -0.40 13.70
C SER B 207 -8.25 -1.23 14.99
N ALA B 208 -8.63 -2.51 14.87
CA ALA B 208 -8.75 -3.37 16.07
C ALA B 208 -7.38 -3.73 16.61
N ALA B 209 -6.38 -3.87 15.73
CA ALA B 209 -5.03 -4.12 16.26
C ALA B 209 -4.59 -2.96 17.15
N LEU B 210 -4.83 -1.74 16.67
CA LEU B 210 -4.43 -0.58 17.46
C LEU B 210 -5.19 -0.48 18.80
N GLU B 211 -6.51 -0.69 18.75
CA GLU B 211 -7.37 -0.45 19.90
C GLU B 211 -7.27 -1.54 20.94
N LEU B 212 -7.04 -2.79 20.48
CA LEU B 212 -6.99 -3.93 21.39
C LEU B 212 -5.58 -4.27 21.93
N ALA B 213 -4.55 -3.61 21.38
CA ALA B 213 -3.16 -3.91 21.77
C ALA B 213 -3.00 -3.71 23.31
N PRO B 214 -3.65 -2.66 23.92
CA PRO B 214 -3.54 -2.53 25.41
C PRO B 214 -4.07 -3.72 26.20
N TYR B 215 -4.96 -4.51 25.63
CA TYR B 215 -5.55 -5.67 26.27
C TYR B 215 -4.74 -6.93 25.96
N GLY B 216 -3.64 -6.80 25.23
CA GLY B 216 -2.85 -7.97 24.85
C GLY B 216 -3.48 -8.83 23.74
N ILE B 217 -4.44 -8.26 23.01
CA ILE B 217 -5.14 -9.04 21.94
C ILE B 217 -4.51 -8.58 20.64
N ARG B 218 -3.88 -9.51 19.92
CA ARG B 218 -3.30 -9.19 18.60
C ARG B 218 -4.37 -9.42 17.53
N VAL B 219 -4.29 -8.66 16.44
CA VAL B 219 -5.28 -8.77 15.36
C VAL B 219 -4.52 -8.74 14.06
N ASN B 220 -4.64 -9.83 13.28
CA ASN B 220 -3.88 -10.01 12.04
C ASN B 220 -4.77 -10.58 10.92
N GLY B 221 -4.20 -10.67 9.72
CA GLY B 221 -4.95 -11.25 8.61
C GLY B 221 -4.09 -12.22 7.85
N VAL B 222 -4.78 -13.13 7.14
CA VAL B 222 -4.16 -14.02 6.14
C VAL B 222 -4.94 -13.78 4.85
N ALA B 223 -4.19 -13.50 3.79
CA ALA B 223 -4.81 -13.09 2.51
C ALA B 223 -4.47 -14.13 1.41
N PRO B 224 -5.38 -15.08 1.15
CA PRO B 224 -5.18 -15.99 0.01
C PRO B 224 -5.27 -15.27 -1.34
N GLY B 225 -4.65 -15.84 -2.36
CA GLY B 225 -4.88 -15.37 -3.75
C GLY B 225 -5.91 -16.28 -4.36
N VAL B 226 -5.44 -17.35 -4.97
CA VAL B 226 -6.39 -18.40 -5.34
CA VAL B 226 -6.32 -18.44 -5.42
C VAL B 226 -6.04 -19.62 -4.49
N SER B 227 -7.05 -20.08 -3.76
CA SER B 227 -6.97 -21.29 -3.01
C SER B 227 -8.01 -22.24 -3.61
N LEU B 228 -8.70 -23.01 -2.77
CA LEU B 228 -9.69 -23.95 -3.26
C LEU B 228 -10.71 -23.29 -4.16
N LEU B 229 -10.78 -23.81 -5.38
CA LEU B 229 -11.70 -23.29 -6.39
C LEU B 229 -13.08 -23.95 -6.18
N PRO B 230 -14.13 -23.45 -6.84
CA PRO B 230 -15.40 -24.21 -6.73
C PRO B 230 -15.32 -25.59 -7.41
N VAL B 231 -15.79 -26.66 -6.74
CA VAL B 231 -15.62 -28.01 -7.30
C VAL B 231 -16.34 -28.14 -8.65
N ALA B 232 -17.50 -27.46 -8.76
CA ALA B 232 -18.31 -27.38 -10.00
C ALA B 232 -17.72 -26.54 -11.15
N MET B 233 -16.78 -25.63 -10.83
CA MET B 233 -16.03 -24.89 -11.85
C MET B 233 -15.32 -25.89 -12.75
N GLY B 234 -15.50 -25.76 -14.07
CA GLY B 234 -14.84 -26.66 -15.02
C GLY B 234 -13.34 -26.62 -14.81
N GLU B 235 -12.70 -27.79 -14.96
CA GLU B 235 -11.24 -27.84 -14.86
C GLU B 235 -10.55 -26.89 -15.83
N GLU B 236 -11.16 -26.66 -17.00
CA GLU B 236 -10.55 -25.79 -18.00
C GLU B 236 -10.52 -24.34 -17.51
N GLU B 237 -11.56 -23.95 -16.77
CA GLU B 237 -11.54 -22.63 -16.09
C GLU B 237 -10.60 -22.60 -14.86
N LYS B 238 -10.63 -23.65 -14.04
CA LYS B 238 -9.69 -23.74 -12.90
C LYS B 238 -8.24 -23.60 -13.38
N ASP B 239 -7.90 -24.26 -14.49
CA ASP B 239 -6.56 -24.16 -15.05
C ASP B 239 -6.18 -22.78 -15.53
N LYS B 240 -7.16 -21.99 -15.99
CA LYS B 240 -6.87 -20.63 -16.41
CA LYS B 240 -6.92 -20.61 -16.41
C LYS B 240 -6.32 -19.85 -15.21
N TRP B 241 -6.92 -20.07 -14.04
CA TRP B 241 -6.46 -19.37 -12.83
CA TRP B 241 -6.47 -19.40 -12.81
C TRP B 241 -5.16 -19.97 -12.29
N ARG B 242 -5.08 -21.30 -12.26
CA ARG B 242 -3.85 -21.97 -11.83
C ARG B 242 -2.63 -21.52 -12.61
N ARG B 243 -2.77 -21.37 -13.93
CA ARG B 243 -1.63 -20.99 -14.78
C ARG B 243 -1.11 -19.58 -14.51
N LYS B 244 -1.89 -18.76 -13.83
CA LYS B 244 -1.45 -17.40 -13.47
C LYS B 244 -0.52 -17.36 -12.27
N VAL B 245 -0.47 -18.44 -11.48
CA VAL B 245 0.26 -18.41 -10.21
C VAL B 245 1.74 -18.72 -10.47
N PRO B 246 2.64 -17.76 -10.19
CA PRO B 246 4.08 -18.02 -10.42
C PRO B 246 4.64 -19.24 -9.71
N LEU B 247 4.29 -19.44 -8.44
CA LEU B 247 4.91 -20.46 -7.62
C LEU B 247 4.12 -21.77 -7.80
N GLY B 248 4.52 -22.56 -8.80
CA GLY B 248 3.92 -23.89 -8.98
C GLY B 248 2.72 -23.98 -9.91
N ARG B 249 2.22 -22.85 -10.41
CA ARG B 249 1.05 -22.84 -11.31
C ARG B 249 -0.09 -23.72 -10.76
N ARG B 250 -0.42 -23.49 -9.49
CA ARG B 250 -1.46 -24.25 -8.79
C ARG B 250 -2.00 -23.30 -7.70
N GLU B 251 -3.22 -23.60 -7.28
CA GLU B 251 -3.87 -22.91 -6.17
C GLU B 251 -3.33 -23.40 -4.82
N ALA B 252 -3.46 -22.56 -3.77
CA ALA B 252 -3.09 -23.00 -2.43
C ALA B 252 -4.07 -24.06 -1.94
N SER B 253 -3.55 -25.05 -1.25
CA SER B 253 -4.44 -25.94 -0.49
C SER B 253 -5.05 -25.20 0.68
N ALA B 254 -6.14 -25.74 1.22
CA ALA B 254 -6.71 -25.13 2.44
C ALA B 254 -5.71 -25.21 3.58
N GLU B 255 -4.91 -26.29 3.62
CA GLU B 255 -3.93 -26.48 4.68
C GLU B 255 -2.81 -25.46 4.66
N GLN B 256 -2.42 -25.04 3.43
CA GLN B 256 -1.41 -23.98 3.30
C GLN B 256 -1.93 -22.66 3.87
N ILE B 257 -3.20 -22.35 3.63
CA ILE B 257 -3.80 -21.14 4.22
CA ILE B 257 -3.80 -21.17 4.25
C ILE B 257 -3.83 -21.33 5.75
N ALA B 258 -4.31 -22.50 6.21
CA ALA B 258 -4.34 -22.74 7.67
C ALA B 258 -2.98 -22.60 8.34
N ASP B 259 -1.91 -23.01 7.63
CA ASP B 259 -0.56 -22.89 8.21
C ASP B 259 -0.21 -21.44 8.61
N ALA B 260 -0.64 -20.46 7.80
CA ALA B 260 -0.39 -19.06 8.16
C ALA B 260 -1.22 -18.63 9.35
N VAL B 261 -2.48 -19.10 9.43
CA VAL B 261 -3.31 -18.82 10.63
C VAL B 261 -2.63 -19.38 11.89
N ILE B 262 -2.17 -20.63 11.82
CA ILE B 262 -1.48 -21.29 12.96
C ILE B 262 -0.25 -20.47 13.40
N PHE B 263 0.55 -20.00 12.44
CA PHE B 263 1.67 -19.15 12.81
C PHE B 263 1.21 -17.89 13.54
N LEU B 264 0.19 -17.21 12.99
CA LEU B 264 -0.26 -15.95 13.61
C LEU B 264 -0.82 -16.10 15.04
N VAL B 265 -1.44 -17.23 15.33
CA VAL B 265 -1.96 -17.41 16.70
C VAL B 265 -0.89 -17.93 17.66
N SER B 266 0.24 -18.35 17.11
CA SER B 266 1.27 -19.03 17.94
C SER B 266 2.11 -18.08 18.76
N GLY B 267 2.88 -18.69 19.68
CA GLY B 267 3.87 -17.96 20.45
C GLY B 267 5.00 -17.33 19.61
N SER B 268 5.16 -17.81 18.38
CA SER B 268 6.17 -17.30 17.43
C SER B 268 5.77 -16.00 16.77
N ALA B 269 4.56 -15.52 17.08
CA ALA B 269 4.04 -14.30 16.46
C ALA B 269 3.60 -13.30 17.53
N GLN B 270 4.19 -13.38 18.74
CA GLN B 270 3.62 -12.58 19.82
CA GLN B 270 3.76 -12.60 19.91
C GLN B 270 3.92 -11.07 19.77
N TYR B 271 4.74 -10.64 18.82
CA TYR B 271 4.95 -9.19 18.62
C TYR B 271 4.26 -8.71 17.34
N ILE B 272 3.59 -9.65 16.65
CA ILE B 272 2.94 -9.31 15.36
C ILE B 272 1.47 -8.91 15.60
N THR B 273 1.14 -7.67 15.24
CA THR B 273 -0.25 -7.21 15.25
C THR B 273 -0.44 -6.20 14.13
N GLY B 274 -1.62 -6.27 13.51
CA GLY B 274 -1.93 -5.35 12.40
C GLY B 274 -1.27 -5.79 11.10
N SER B 275 -0.79 -7.03 11.02
CA SER B 275 -0.10 -7.51 9.81
C SER B 275 -1.03 -8.41 9.01
N ILE B 276 -0.95 -8.31 7.69
CA ILE B 276 -1.71 -9.22 6.82
C ILE B 276 -0.75 -10.00 5.98
N ILE B 277 -0.71 -11.33 6.17
CA ILE B 277 0.27 -12.17 5.45
C ILE B 277 -0.39 -12.68 4.17
N LYS B 278 0.13 -12.31 3.00
CA LYS B 278 -0.37 -12.89 1.73
CA LYS B 278 -0.32 -12.84 1.74
C LYS B 278 0.13 -14.31 1.62
N VAL B 279 -0.78 -15.20 1.21
CA VAL B 279 -0.41 -16.60 0.97
C VAL B 279 -0.94 -16.87 -0.44
N ASP B 280 -0.19 -16.37 -1.42
CA ASP B 280 -0.74 -16.31 -2.78
C ASP B 280 0.16 -16.78 -3.91
N GLY B 281 1.31 -17.36 -3.54
CA GLY B 281 2.17 -17.95 -4.59
C GLY B 281 2.73 -16.90 -5.56
N GLY B 282 2.69 -15.61 -5.18
CA GLY B 282 3.14 -14.53 -6.04
C GLY B 282 2.05 -13.99 -6.98
N LEU B 283 0.80 -14.47 -6.88
CA LEU B 283 -0.25 -14.08 -7.85
C LEU B 283 -0.47 -12.55 -7.95
N SER B 284 -0.45 -11.88 -6.80
CA SER B 284 -0.70 -10.44 -6.74
C SER B 284 0.40 -9.61 -7.39
N LEU B 285 1.55 -10.25 -7.62
CA LEU B 285 2.71 -9.54 -8.28
C LEU B 285 2.63 -9.56 -9.80
N VAL B 286 1.67 -10.30 -10.36
CA VAL B 286 1.60 -10.56 -11.80
C VAL B 286 0.76 -9.49 -12.48
N HIS B 287 1.41 -8.74 -13.38
CA HIS B 287 0.69 -7.70 -14.13
C HIS B 287 -0.28 -8.30 -15.16
N ALA B 288 -1.19 -7.47 -15.65
CA ALA B 288 -2.18 -7.87 -16.67
C ALA B 288 -1.56 -8.44 -17.93
N GLU C 22 10.94 37.36 -12.39
CA GLU C 22 9.47 37.58 -12.52
C GLU C 22 8.73 36.28 -12.93
N ALA C 23 9.11 35.69 -14.06
CA ALA C 23 8.56 34.38 -14.46
C ALA C 23 9.29 33.32 -13.64
N PRO C 24 8.56 32.28 -13.17
CA PRO C 24 9.31 31.20 -12.51
C PRO C 24 10.14 30.36 -13.51
N ALA C 25 11.02 29.51 -12.99
CA ALA C 25 11.90 28.71 -13.82
C ALA C 25 11.89 27.26 -13.37
N ALA C 26 11.98 26.36 -14.37
CA ALA C 26 11.89 24.90 -14.13
C ALA C 26 13.06 24.17 -14.76
N VAL C 27 13.60 23.14 -14.09
CA VAL C 27 14.54 22.20 -14.71
C VAL C 27 13.78 20.94 -15.06
N VAL C 28 13.94 20.43 -16.28
CA VAL C 28 13.36 19.13 -16.64
C VAL C 28 14.48 18.23 -17.13
N THR C 29 14.69 17.10 -16.45
CA THR C 29 15.76 16.19 -16.91
C THR C 29 15.25 15.29 -18.02
N GLY C 30 16.14 14.87 -18.92
CA GLY C 30 15.73 14.06 -20.08
C GLY C 30 14.64 14.74 -20.92
N ALA C 31 14.79 16.06 -21.17
CA ALA C 31 13.72 16.87 -21.72
C ALA C 31 13.70 16.93 -23.27
N ALA C 32 14.63 16.28 -23.95
CA ALA C 32 14.73 16.46 -25.42
C ALA C 32 13.62 15.77 -26.16
N LYS C 33 13.10 14.68 -25.58
CA LYS C 33 12.18 13.81 -26.31
C LYS C 33 11.03 13.33 -25.43
N ARG C 34 9.98 12.86 -26.09
CA ARG C 34 8.95 12.04 -25.46
C ARG C 34 8.32 12.75 -24.25
N ILE C 35 8.28 12.08 -23.09
CA ILE C 35 7.56 12.65 -21.97
C ILE C 35 8.23 13.93 -21.43
N GLY C 36 9.56 13.92 -21.34
CA GLY C 36 10.25 15.10 -20.77
C GLY C 36 10.03 16.32 -21.68
N ARG C 37 10.02 16.07 -22.99
CA ARG C 37 9.75 17.15 -23.97
C ARG C 37 8.36 17.72 -23.75
N ALA C 38 7.36 16.82 -23.61
CA ALA C 38 6.02 17.29 -23.41
C ALA C 38 5.84 18.10 -22.10
N ILE C 39 6.53 17.66 -21.04
CA ILE C 39 6.55 18.39 -19.79
C ILE C 39 7.17 19.80 -19.94
N ALA C 40 8.34 19.87 -20.57
CA ALA C 40 9.00 21.15 -20.83
C ALA C 40 8.09 22.07 -21.64
N VAL C 41 7.48 21.52 -22.69
CA VAL C 41 6.54 22.32 -23.54
C VAL C 41 5.40 22.88 -22.71
N LYS C 42 4.74 22.01 -21.95
CA LYS C 42 3.62 22.49 -21.16
CA LYS C 42 3.62 22.44 -21.12
C LYS C 42 4.03 23.45 -20.04
N LEU C 43 5.18 23.22 -19.38
CA LEU C 43 5.64 24.23 -18.39
C LEU C 43 5.85 25.58 -19.08
N HIS C 44 6.51 25.53 -20.23
CA HIS C 44 6.78 26.76 -20.99
C HIS C 44 5.47 27.48 -21.34
N GLN C 45 4.49 26.70 -21.81
CA GLN C 45 3.15 27.25 -22.15
C GLN C 45 2.44 27.85 -20.95
N THR C 46 2.76 27.39 -19.74
CA THR C 46 2.19 27.88 -18.49
C THR C 46 2.89 29.17 -18.01
N GLY C 47 4.04 29.49 -18.64
CA GLY C 47 4.75 30.69 -18.29
C GLY C 47 6.12 30.49 -17.66
N TYR C 48 6.56 29.23 -17.53
CA TYR C 48 7.90 28.98 -16.96
C TYR C 48 8.99 29.23 -17.99
N ARG C 49 10.15 29.66 -17.49
CA ARG C 49 11.40 29.54 -18.22
C ARG C 49 11.94 28.15 -17.91
N VAL C 50 12.60 27.53 -18.88
CA VAL C 50 12.97 26.10 -18.74
CA VAL C 50 12.95 26.10 -18.74
C VAL C 50 14.42 25.79 -19.06
N VAL C 51 15.01 24.90 -18.25
CA VAL C 51 16.29 24.29 -18.57
C VAL C 51 15.97 22.91 -19.12
N ILE C 52 16.38 22.66 -20.36
CA ILE C 52 16.18 21.41 -21.07
C ILE C 52 17.45 20.59 -20.91
N HIS C 53 17.44 19.65 -19.98
CA HIS C 53 18.57 18.78 -19.79
C HIS C 53 18.63 17.63 -20.82
N TYR C 54 19.84 17.25 -21.26
CA TYR C 54 20.03 16.15 -22.17
C TYR C 54 21.37 15.46 -21.87
N HIS C 55 21.47 14.23 -22.32
CA HIS C 55 22.69 13.48 -22.24
C HIS C 55 23.25 13.30 -23.66
N ASN C 56 22.58 12.47 -24.47
CA ASN C 56 23.03 12.20 -25.84
C ASN C 56 22.25 12.96 -26.90
N SER C 57 21.14 13.59 -26.51
CA SER C 57 20.21 14.13 -27.51
C SER C 57 20.35 15.64 -27.71
N ALA C 58 21.58 16.08 -28.02
CA ALA C 58 21.88 17.49 -28.23
C ALA C 58 21.04 18.19 -29.30
N GLU C 59 20.98 17.56 -30.46
CA GLU C 59 20.25 18.15 -31.58
C GLU C 59 18.79 18.39 -31.22
N ALA C 60 18.12 17.34 -30.69
CA ALA C 60 16.73 17.45 -30.26
C ALA C 60 16.53 18.48 -29.13
N ALA C 61 17.48 18.55 -28.19
CA ALA C 61 17.40 19.53 -27.11
C ALA C 61 17.44 20.96 -27.62
N VAL C 62 18.35 21.21 -28.55
CA VAL C 62 18.52 22.52 -29.12
C VAL C 62 17.33 22.88 -30.02
N SER C 63 16.83 21.91 -30.76
CA SER C 63 15.63 22.11 -31.56
C SER C 63 14.43 22.52 -30.68
N LEU C 64 14.25 21.87 -29.53
CA LEU C 64 13.18 22.29 -28.64
C LEU C 64 13.42 23.70 -28.09
N ALA C 65 14.65 23.98 -27.68
CA ALA C 65 14.99 25.30 -27.11
C ALA C 65 14.72 26.42 -28.15
N ASP C 66 15.07 26.13 -29.40
CA ASP C 66 14.82 27.05 -30.54
C ASP C 66 13.29 27.33 -30.65
N GLU C 67 12.47 26.28 -30.65
CA GLU C 67 11.01 26.39 -30.71
C GLU C 67 10.45 27.24 -29.58
N LEU C 68 10.89 26.98 -28.34
CA LEU C 68 10.44 27.75 -27.20
C LEU C 68 10.89 29.22 -27.21
N ASN C 69 12.12 29.46 -27.63
CA ASN C 69 12.69 30.80 -27.67
C ASN C 69 12.07 31.64 -28.79
N LYS C 70 11.69 30.97 -29.90
CA LYS C 70 10.89 31.65 -30.94
C LYS C 70 9.57 32.14 -30.40
N GLU C 71 8.95 31.39 -29.48
CA GLU C 71 7.71 31.81 -28.83
C GLU C 71 7.91 33.00 -27.88
N ARG C 72 8.92 32.90 -26.99
CA ARG C 72 9.29 33.95 -26.03
C ARG C 72 10.80 33.93 -25.92
N SER C 73 11.48 35.00 -26.35
CA SER C 73 12.94 34.98 -26.39
C SER C 73 13.60 34.83 -25.02
N ASN C 74 14.71 34.08 -25.02
CA ASN C 74 15.56 33.85 -23.85
C ASN C 74 14.80 33.24 -22.66
N THR C 75 13.92 32.30 -22.98
CA THR C 75 13.14 31.61 -21.94
C THR C 75 13.47 30.11 -21.88
N ALA C 76 14.42 29.65 -22.70
CA ALA C 76 14.80 28.22 -22.73
C ALA C 76 16.30 28.11 -22.96
N VAL C 77 16.97 27.36 -22.09
CA VAL C 77 18.38 27.00 -22.27
C VAL C 77 18.55 25.47 -22.23
N VAL C 78 19.65 24.97 -22.74
CA VAL C 78 19.98 23.53 -22.64
C VAL C 78 21.11 23.30 -21.66
N CYS C 79 21.16 22.08 -21.09
CA CYS C 79 22.24 21.70 -20.17
C CYS C 79 22.60 20.25 -20.36
N GLN C 80 23.83 19.96 -20.76
CA GLN C 80 24.29 18.59 -20.94
C GLN C 80 24.74 17.98 -19.61
N ALA C 81 24.31 16.74 -19.36
CA ALA C 81 24.91 15.98 -18.25
C ALA C 81 24.64 14.50 -18.41
N ASP C 82 25.65 13.67 -18.15
CA ASP C 82 25.40 12.23 -17.99
C ASP C 82 24.88 12.00 -16.57
N LEU C 83 23.74 11.33 -16.42
CA LEU C 83 23.19 11.04 -15.08
C LEU C 83 23.46 9.63 -14.50
N THR C 84 24.32 8.88 -15.17
CA THR C 84 24.92 7.63 -14.63
C THR C 84 25.57 7.90 -13.29
N ASN C 85 25.39 7.03 -12.30
CA ASN C 85 26.17 7.23 -11.05
C ASN C 85 27.70 7.09 -11.24
N SER C 86 28.44 8.02 -10.64
CA SER C 86 29.90 7.98 -10.63
C SER C 86 30.38 8.96 -9.59
N ASN C 87 31.71 9.05 -9.44
CA ASN C 87 32.34 10.06 -8.59
C ASN C 87 32.02 11.49 -8.99
N VAL C 88 31.66 11.71 -10.27
CA VAL C 88 31.31 13.06 -10.73
C VAL C 88 29.82 13.37 -10.81
N LEU C 89 28.95 12.37 -10.57
CA LEU C 89 27.49 12.64 -10.62
C LEU C 89 27.06 13.82 -9.69
N PRO C 90 27.57 13.90 -8.45
CA PRO C 90 27.17 15.04 -7.64
C PRO C 90 27.50 16.40 -8.29
N ALA C 91 28.71 16.54 -8.87
CA ALA C 91 29.05 17.79 -9.56
C ALA C 91 28.16 18.06 -10.77
N SER C 92 27.83 17.01 -11.52
CA SER C 92 26.94 17.15 -12.68
C SER C 92 25.54 17.59 -12.26
N CYS C 93 25.04 17.05 -11.16
CA CYS C 93 23.72 17.44 -10.69
C CYS C 93 23.72 18.87 -10.19
N GLU C 94 24.80 19.26 -9.49
CA GLU C 94 24.92 20.64 -9.02
CA GLU C 94 24.98 20.64 -9.03
C GLU C 94 24.96 21.59 -10.22
N GLU C 95 25.62 21.18 -11.31
CA GLU C 95 25.67 22.02 -12.51
C GLU C 95 24.30 22.21 -13.16
N ILE C 96 23.49 21.15 -13.19
CA ILE C 96 22.12 21.28 -13.78
C ILE C 96 21.34 22.35 -13.04
N ILE C 97 21.31 22.27 -11.71
CA ILE C 97 20.64 23.27 -10.91
C ILE C 97 21.26 24.66 -11.08
N ASN C 98 22.58 24.69 -11.08
CA ASN C 98 23.30 25.97 -11.20
C ASN C 98 22.96 26.63 -12.54
N SER C 99 22.80 25.82 -13.59
CA SER C 99 22.46 26.36 -14.89
CA SER C 99 22.46 26.36 -14.90
C SER C 99 21.14 27.12 -14.89
N CYS C 100 20.19 26.66 -14.06
CA CYS C 100 18.93 27.33 -13.96
C CYS C 100 19.07 28.71 -13.28
N PHE C 101 19.79 28.73 -12.17
CA PHE C 101 20.08 29.97 -11.44
C PHE C 101 20.89 30.95 -12.31
N ARG C 102 21.82 30.44 -13.08
CA ARG C 102 22.61 31.34 -13.97
C ARG C 102 21.77 31.97 -15.04
N ALA C 103 20.98 31.15 -15.71
CA ALA C 103 20.14 31.65 -16.81
C ALA C 103 19.01 32.55 -16.32
N PHE C 104 18.37 32.19 -15.20
CA PHE C 104 17.08 32.77 -14.89
C PHE C 104 16.99 33.44 -13.53
N GLY C 105 18.01 33.25 -12.71
CA GLY C 105 18.10 33.87 -11.37
C GLY C 105 17.33 33.20 -10.26
N ARG C 106 16.76 32.02 -10.56
CA ARG C 106 15.87 31.35 -9.61
C ARG C 106 15.66 29.93 -10.17
N CYS C 107 15.16 29.03 -9.30
CA CYS C 107 14.78 27.69 -9.76
C CYS C 107 13.64 27.26 -8.86
N ASP C 108 12.45 27.27 -9.44
CA ASP C 108 11.21 27.05 -8.70
C ASP C 108 10.76 25.59 -8.73
N VAL C 109 11.09 24.90 -9.81
CA VAL C 109 10.56 23.56 -10.08
C VAL C 109 11.67 22.67 -10.61
N LEU C 110 11.76 21.43 -10.08
CA LEU C 110 12.63 20.38 -10.57
C LEU C 110 11.75 19.20 -10.97
N VAL C 111 11.86 18.75 -12.21
CA VAL C 111 11.12 17.56 -12.67
C VAL C 111 12.17 16.49 -12.98
N ASN C 112 12.19 15.42 -12.17
CA ASN C 112 13.11 14.31 -12.38
C ASN C 112 12.43 13.33 -13.28
N ASN C 113 12.69 13.49 -14.56
CA ASN C 113 12.05 12.71 -15.61
C ASN C 113 13.01 11.71 -16.28
N ALA C 114 14.30 12.04 -16.40
CA ALA C 114 15.26 11.13 -17.06
C ALA C 114 15.26 9.74 -16.47
N SER C 115 15.38 8.75 -17.34
N SER C 115 15.17 8.70 -17.30
CA SER C 115 15.34 7.37 -16.91
CA SER C 115 15.26 7.32 -16.77
C SER C 115 16.02 6.44 -17.88
C SER C 115 15.72 6.28 -17.77
N ALA C 116 16.61 5.40 -17.32
CA ALA C 116 17.08 4.27 -18.10
C ALA C 116 16.13 3.10 -17.83
N PHE C 117 15.93 2.26 -18.85
CA PHE C 117 14.97 1.19 -18.75
C PHE C 117 15.45 0.05 -19.64
N TYR C 118 15.74 -1.08 -19.01
CA TYR C 118 16.11 -2.30 -19.71
C TYR C 118 16.18 -3.47 -18.75
N PRO C 119 16.04 -4.72 -19.25
CA PRO C 119 16.06 -5.86 -18.31
C PRO C 119 17.43 -6.21 -17.78
N THR C 120 17.41 -6.80 -16.59
CA THR C 120 18.62 -7.24 -15.90
C THR C 120 18.24 -8.58 -15.26
N PRO C 121 18.27 -9.68 -16.04
CA PRO C 121 17.83 -10.99 -15.52
C PRO C 121 18.67 -11.45 -14.34
N LEU C 122 18.02 -12.12 -13.37
CA LEU C 122 18.75 -12.60 -12.19
C LEU C 122 19.56 -13.88 -12.51
N VAL C 123 19.08 -14.64 -13.49
CA VAL C 123 19.71 -15.93 -13.88
C VAL C 123 20.16 -15.82 -15.34
N GLN C 124 21.45 -16.09 -15.58
CA GLN C 124 22.10 -15.84 -16.87
C GLN C 124 22.00 -17.02 -17.82
N GLY C 133 26.35 -5.78 -23.57
CA GLY C 133 27.70 -6.08 -23.11
C GLY C 133 28.13 -5.27 -21.88
N LYS C 134 27.13 -4.84 -21.08
CA LYS C 134 27.35 -4.03 -19.87
C LYS C 134 27.60 -4.92 -18.70
N THR C 135 28.60 -4.61 -17.89
CA THR C 135 28.81 -5.34 -16.64
C THR C 135 27.61 -5.06 -15.73
N VAL C 136 27.39 -5.95 -14.76
CA VAL C 136 26.33 -5.69 -13.78
C VAL C 136 26.52 -4.36 -13.04
N GLU C 137 27.76 -4.01 -12.69
CA GLU C 137 27.95 -2.76 -11.96
C GLU C 137 27.72 -1.51 -12.84
N THR C 138 27.95 -1.64 -14.15
CA THR C 138 27.47 -0.60 -15.09
C THR C 138 25.91 -0.45 -15.12
N GLN C 139 25.22 -1.59 -15.13
CA GLN C 139 23.76 -1.61 -15.07
CA GLN C 139 23.76 -1.63 -15.07
C GLN C 139 23.26 -0.97 -13.79
N VAL C 140 23.93 -1.23 -12.68
CA VAL C 140 23.64 -0.55 -11.41
C VAL C 140 23.80 0.96 -11.56
N ALA C 141 24.92 1.38 -12.14
CA ALA C 141 25.20 2.78 -12.21
C ALA C 141 24.16 3.50 -13.10
N GLU C 142 23.70 2.84 -14.15
CA GLU C 142 22.71 3.43 -15.01
C GLU C 142 21.31 3.38 -14.45
N LEU C 143 20.83 2.19 -14.04
CA LEU C 143 19.45 2.01 -13.63
C LEU C 143 19.25 2.67 -12.28
N ILE C 144 20.09 2.37 -11.30
CA ILE C 144 19.92 2.94 -9.98
C ILE C 144 20.44 4.39 -9.99
N GLY C 145 21.54 4.65 -10.69
CA GLY C 145 22.03 6.02 -10.79
C GLY C 145 21.10 7.00 -11.43
N THR C 146 20.67 6.74 -12.67
CA THR C 146 19.81 7.65 -13.35
CA THR C 146 19.75 7.67 -13.36
C THR C 146 18.43 7.77 -12.66
N ASN C 147 17.86 6.63 -12.24
CA ASN C 147 16.47 6.65 -11.81
CA ASN C 147 16.46 6.61 -11.77
C ASN C 147 16.27 7.02 -10.33
N ALA C 148 17.34 6.93 -9.54
CA ALA C 148 17.21 7.22 -8.11
C ALA C 148 18.29 8.13 -7.54
N ILE C 149 19.55 7.84 -7.85
CA ILE C 149 20.63 8.61 -7.21
C ILE C 149 20.70 10.05 -7.77
N ALA C 150 20.59 10.18 -9.08
CA ALA C 150 20.56 11.56 -9.66
C ALA C 150 19.36 12.38 -9.13
N PRO C 151 18.12 11.80 -9.10
CA PRO C 151 17.05 12.55 -8.44
C PRO C 151 17.38 12.95 -7.01
N PHE C 152 18.03 12.06 -6.24
CA PHE C 152 18.45 12.41 -4.90
C PHE C 152 19.44 13.61 -4.86
N LEU C 153 20.48 13.53 -5.70
CA LEU C 153 21.48 14.59 -5.74
C LEU C 153 20.92 15.90 -6.28
N LEU C 154 20.06 15.81 -7.31
CA LEU C 154 19.35 17.00 -7.80
C LEU C 154 18.47 17.63 -6.73
N THR C 155 17.81 16.79 -5.92
CA THR C 155 16.98 17.29 -4.85
C THR C 155 17.83 18.01 -3.82
N MET C 156 18.97 17.44 -3.46
CA MET C 156 19.90 18.08 -2.49
CA MET C 156 19.86 18.07 -2.50
C MET C 156 20.32 19.45 -3.01
N SER C 157 20.78 19.49 -4.27
CA SER C 157 21.26 20.76 -4.87
C SER C 157 20.14 21.80 -4.97
N PHE C 158 18.95 21.35 -5.39
CA PHE C 158 17.80 22.25 -5.50
C PHE C 158 17.47 22.87 -4.13
N ALA C 159 17.39 22.01 -3.10
CA ALA C 159 17.02 22.50 -1.76
C ALA C 159 18.09 23.42 -1.16
N GLN C 160 19.37 23.05 -1.36
CA GLN C 160 20.51 23.82 -0.84
C GLN C 160 20.55 25.24 -1.39
N ARG C 161 20.22 25.39 -2.67
CA ARG C 161 20.23 26.69 -3.35
C ARG C 161 19.04 27.57 -3.00
N GLN C 162 18.07 27.09 -2.21
CA GLN C 162 16.91 27.91 -1.85
C GLN C 162 17.17 28.65 -0.54
N SER C 171 4.17 33.79 -1.18
CA SER C 171 5.34 34.16 -1.96
C SER C 171 5.61 33.14 -3.10
N SER C 172 6.64 32.31 -2.92
CA SER C 172 7.09 31.30 -3.89
C SER C 172 6.16 30.08 -3.97
N ASN C 173 6.32 29.28 -5.03
CA ASN C 173 5.65 27.97 -5.05
C ASN C 173 6.67 26.94 -5.56
N LEU C 174 7.52 26.49 -4.63
CA LEU C 174 8.65 25.60 -4.94
C LEU C 174 8.19 24.14 -4.86
N SER C 175 8.52 23.38 -5.88
CA SER C 175 8.25 21.92 -5.80
C SER C 175 9.10 21.09 -6.73
N ILE C 176 9.08 19.80 -6.40
CA ILE C 176 9.79 18.80 -7.17
C ILE C 176 8.73 17.76 -7.60
N VAL C 177 8.85 17.28 -8.83
CA VAL C 177 7.98 16.20 -9.30
C VAL C 177 8.87 15.08 -9.84
N ASN C 178 8.68 13.85 -9.32
CA ASN C 178 9.45 12.70 -9.73
C ASN C 178 8.62 11.81 -10.61
N LEU C 179 9.16 11.39 -11.74
CA LEU C 179 8.46 10.46 -12.64
C LEU C 179 8.68 9.03 -12.15
N CYS C 180 7.59 8.49 -11.60
CA CYS C 180 7.53 7.21 -10.92
C CYS C 180 7.00 6.17 -11.92
N ASP C 181 6.43 5.06 -11.43
CA ASP C 181 5.95 3.99 -12.35
C ASP C 181 4.78 3.33 -11.68
N ALA C 182 3.61 3.39 -12.34
CA ALA C 182 2.40 2.85 -11.72
C ALA C 182 2.46 1.34 -11.52
N MET C 183 3.39 0.67 -12.20
CA MET C 183 3.46 -0.81 -12.13
C MET C 183 4.53 -1.31 -11.17
N VAL C 184 4.97 -0.44 -10.27
CA VAL C 184 6.08 -0.75 -9.37
C VAL C 184 5.82 -2.01 -8.50
N ASP C 185 4.55 -2.27 -8.18
CA ASP C 185 4.24 -3.48 -7.41
C ASP C 185 3.77 -4.67 -8.22
N GLN C 186 3.74 -4.55 -9.54
CA GLN C 186 3.42 -5.66 -10.44
C GLN C 186 4.43 -5.59 -11.60
N PRO C 187 5.69 -5.83 -11.28
CA PRO C 187 6.73 -5.37 -12.21
C PRO C 187 6.89 -6.29 -13.42
N CYS C 188 7.52 -5.77 -14.48
CA CYS C 188 7.84 -6.60 -15.62
C CYS C 188 8.89 -7.65 -15.24
N MET C 189 8.72 -8.85 -15.79
CA MET C 189 9.63 -9.96 -15.59
C MET C 189 11.04 -9.59 -16.04
N ALA C 190 12.00 -9.89 -15.16
CA ALA C 190 13.43 -9.69 -15.39
C ALA C 190 13.89 -8.24 -15.35
N PHE C 191 13.08 -7.36 -14.74
CA PHE C 191 13.45 -5.93 -14.58
C PHE C 191 13.78 -5.57 -13.11
N SER C 192 14.51 -6.43 -12.40
CA SER C 192 14.73 -6.18 -10.97
CA SER C 192 14.82 -6.21 -10.97
C SER C 192 15.46 -4.86 -10.68
N LEU C 193 16.55 -4.56 -11.39
CA LEU C 193 17.25 -3.30 -11.07
C LEU C 193 16.45 -2.07 -11.38
N TYR C 194 15.75 -2.10 -12.53
CA TYR C 194 14.86 -1.00 -12.84
C TYR C 194 13.80 -0.82 -11.75
N ASN C 195 13.18 -1.92 -11.35
CA ASN C 195 12.12 -1.84 -10.34
C ASN C 195 12.69 -1.36 -9.00
N MET C 196 13.89 -1.82 -8.64
CA MET C 196 14.54 -1.34 -7.43
C MET C 196 14.73 0.18 -7.46
N GLY C 197 15.21 0.71 -8.59
CA GLY C 197 15.38 2.16 -8.73
C GLY C 197 14.08 2.94 -8.61
N LYS C 198 13.02 2.42 -9.22
CA LYS C 198 11.75 3.10 -9.13
C LYS C 198 11.15 3.03 -7.72
N HIS C 199 11.34 1.92 -7.04
CA HIS C 199 10.95 1.86 -5.62
C HIS C 199 11.78 2.84 -4.78
N ALA C 200 13.10 2.91 -5.02
CA ALA C 200 13.93 3.90 -4.34
C ALA C 200 13.41 5.34 -4.57
N LEU C 201 12.92 5.59 -5.80
CA LEU C 201 12.40 6.93 -6.12
C LEU C 201 11.12 7.24 -5.32
N VAL C 202 10.27 6.23 -5.04
CA VAL C 202 9.11 6.45 -4.16
C VAL C 202 9.61 6.84 -2.74
N GLY C 203 10.64 6.12 -2.25
CA GLY C 203 11.22 6.45 -0.96
C GLY C 203 11.77 7.86 -0.92
N LEU C 204 12.45 8.28 -1.98
CA LEU C 204 12.96 9.65 -2.02
C LEU C 204 11.81 10.66 -2.00
N THR C 205 10.75 10.37 -2.76
CA THR C 205 9.61 11.27 -2.82
C THR C 205 9.04 11.50 -1.41
N GLN C 206 8.86 10.41 -0.67
CA GLN C 206 8.30 10.51 0.67
C GLN C 206 9.28 11.15 1.64
N SER C 207 10.54 10.70 1.65
CA SER C 207 11.54 11.24 2.59
C SER C 207 11.80 12.73 2.35
N ALA C 208 11.91 13.11 1.09
CA ALA C 208 12.15 14.53 0.77
C ALA C 208 10.91 15.37 1.01
N ALA C 209 9.72 14.83 0.75
CA ALA C 209 8.51 15.62 1.10
C ALA C 209 8.49 15.94 2.60
N LEU C 210 8.81 14.96 3.44
CA LEU C 210 8.87 15.20 4.89
C LEU C 210 9.94 16.23 5.29
N GLU C 211 11.14 16.03 4.78
CA GLU C 211 12.31 16.83 5.20
C GLU C 211 12.29 18.24 4.63
N LEU C 212 11.71 18.41 3.44
CA LEU C 212 11.72 19.74 2.82
C LEU C 212 10.48 20.56 3.09
N ALA C 213 9.46 19.96 3.69
CA ALA C 213 8.21 20.67 3.99
C ALA C 213 8.45 21.95 4.81
N PRO C 214 9.40 21.94 5.79
CA PRO C 214 9.68 23.19 6.54
C PRO C 214 10.18 24.35 5.67
N TYR C 215 10.80 24.03 4.53
CA TYR C 215 11.30 25.03 3.60
C TYR C 215 10.23 25.47 2.60
N GLY C 216 9.02 24.91 2.71
CA GLY C 216 7.95 25.17 1.74
C GLY C 216 8.20 24.51 0.38
N ILE C 217 9.05 23.49 0.35
CA ILE C 217 9.31 22.78 -0.91
C ILE C 217 8.44 21.51 -0.91
N ARG C 218 7.50 21.41 -1.84
CA ARG C 218 6.62 20.21 -1.95
C ARG C 218 7.32 19.18 -2.86
N VAL C 219 7.09 17.89 -2.62
CA VAL C 219 7.77 16.84 -3.39
C VAL C 219 6.71 15.79 -3.69
N ASN C 220 6.43 15.60 -4.98
CA ASN C 220 5.36 14.73 -5.41
C ASN C 220 5.80 13.87 -6.60
N GLY C 221 4.96 12.90 -6.95
CA GLY C 221 5.27 12.03 -8.09
C GLY C 221 4.11 11.91 -9.08
N VAL C 222 4.45 11.55 -10.31
CA VAL C 222 3.47 11.17 -11.35
C VAL C 222 3.92 9.80 -11.85
N ALA C 223 3.00 8.84 -11.84
CA ALA C 223 3.32 7.44 -12.13
C ALA C 223 2.57 6.99 -13.39
N PRO C 224 3.23 7.02 -14.56
CA PRO C 224 2.58 6.53 -15.78
C PRO C 224 2.46 5.00 -15.78
N GLY C 225 1.53 4.48 -16.58
CA GLY C 225 1.42 3.03 -16.79
C GLY C 225 2.13 2.72 -18.07
N VAL C 226 1.36 2.51 -19.13
CA VAL C 226 1.89 2.54 -20.49
C VAL C 226 1.59 3.94 -21.03
N SER C 227 2.67 4.64 -21.31
CA SER C 227 2.59 5.88 -22.08
C SER C 227 3.35 5.57 -23.36
N LEU C 228 4.07 6.55 -23.92
CA LEU C 228 4.91 6.30 -25.12
C LEU C 228 5.74 5.03 -24.94
N LEU C 229 5.47 4.05 -25.80
CA LEU C 229 6.14 2.76 -25.74
C LEU C 229 7.61 2.95 -26.14
N PRO C 230 8.53 2.16 -25.53
CA PRO C 230 9.93 2.22 -26.00
C PRO C 230 9.99 2.09 -27.53
N VAL C 231 10.74 2.98 -28.18
CA VAL C 231 10.91 3.00 -29.63
C VAL C 231 11.38 1.65 -30.19
N ALA C 232 12.18 0.93 -29.40
CA ALA C 232 12.69 -0.41 -29.73
C ALA C 232 11.61 -1.52 -29.77
N MET C 233 10.53 -1.35 -28.99
CA MET C 233 9.45 -2.35 -28.87
C MET C 233 8.66 -2.53 -30.16
N GLY C 234 8.51 -3.80 -30.57
CA GLY C 234 7.71 -4.18 -31.73
C GLY C 234 6.24 -3.76 -31.62
N GLU C 235 5.63 -3.49 -32.77
CA GLU C 235 4.26 -3.02 -32.91
C GLU C 235 3.18 -3.97 -32.33
N GLU C 236 3.41 -5.28 -32.47
CA GLU C 236 2.49 -6.30 -31.93
C GLU C 236 2.51 -6.35 -30.40
N GLU C 237 3.70 -6.16 -29.80
CA GLU C 237 3.84 -6.15 -28.34
C GLU C 237 3.24 -4.88 -27.73
N LYS C 238 3.40 -3.75 -28.44
CA LYS C 238 2.76 -2.48 -28.10
C LYS C 238 1.25 -2.63 -28.02
N ASP C 239 0.66 -3.32 -29.01
CA ASP C 239 -0.80 -3.56 -29.05
C ASP C 239 -1.30 -4.48 -27.94
N LYS C 240 -0.51 -5.50 -27.60
CA LYS C 240 -0.78 -6.40 -26.48
C LYS C 240 -1.00 -5.60 -25.18
N TRP C 241 -0.09 -4.67 -24.90
CA TRP C 241 -0.19 -3.78 -23.72
C TRP C 241 -1.37 -2.81 -23.77
N ARG C 242 -1.55 -2.16 -24.93
CA ARG C 242 -2.68 -1.25 -25.13
C ARG C 242 -4.00 -1.94 -24.83
N ARG C 243 -4.15 -3.19 -25.29
CA ARG C 243 -5.39 -3.93 -25.08
C ARG C 243 -5.74 -4.23 -23.60
N LYS C 244 -4.75 -4.15 -22.71
CA LYS C 244 -4.98 -4.42 -21.28
C LYS C 244 -5.49 -3.19 -20.49
N VAL C 245 -5.39 -1.99 -21.07
CA VAL C 245 -5.75 -0.74 -20.36
C VAL C 245 -7.25 -0.53 -20.32
N PRO C 246 -7.85 -0.48 -19.11
CA PRO C 246 -9.32 -0.32 -19.03
C PRO C 246 -9.86 0.90 -19.76
N LEU C 247 -9.13 2.01 -19.66
CA LEU C 247 -9.61 3.23 -20.21
C LEU C 247 -9.19 3.45 -21.68
N GLY C 248 -9.94 2.85 -22.60
CA GLY C 248 -9.79 3.12 -24.06
C GLY C 248 -8.71 2.31 -24.72
N ARG C 249 -8.14 1.34 -24.00
CA ARG C 249 -7.31 0.30 -24.64
C ARG C 249 -6.16 0.92 -25.47
N ARG C 250 -5.58 1.97 -24.91
CA ARG C 250 -4.56 2.78 -25.57
C ARG C 250 -3.60 3.26 -24.53
N GLU C 251 -2.39 3.61 -24.97
CA GLU C 251 -1.39 4.27 -24.07
C GLU C 251 -1.70 5.75 -23.75
N ALA C 252 -1.12 6.26 -22.65
CA ALA C 252 -1.21 7.70 -22.34
C ALA C 252 -0.40 8.39 -23.41
N SER C 253 -0.91 9.52 -23.86
CA SER C 253 -0.02 10.45 -24.54
C SER C 253 0.96 11.02 -23.53
N ALA C 254 2.09 11.52 -24.02
CA ALA C 254 3.01 12.25 -23.16
C ALA C 254 2.32 13.49 -22.56
N GLU C 255 1.40 14.10 -23.30
CA GLU C 255 0.73 15.31 -22.83
CA GLU C 255 0.69 15.30 -22.85
C GLU C 255 -0.16 15.03 -21.61
N GLN C 256 -0.75 13.83 -21.55
CA GLN C 256 -1.57 13.43 -20.37
C GLN C 256 -0.68 13.31 -19.13
N ILE C 257 0.53 12.76 -19.34
CA ILE C 257 1.51 12.75 -18.21
C ILE C 257 1.88 14.17 -17.79
N ALA C 258 2.20 15.01 -18.78
CA ALA C 258 2.52 16.38 -18.47
C ALA C 258 1.44 17.15 -17.75
N ASP C 259 0.18 16.90 -18.11
CA ASP C 259 -0.97 17.55 -17.45
C ASP C 259 -0.94 17.30 -15.91
N ALA C 260 -0.57 16.09 -15.50
CA ALA C 260 -0.48 15.80 -14.05
C ALA C 260 0.69 16.55 -13.38
N VAL C 261 1.79 16.65 -14.12
CA VAL C 261 2.95 17.45 -13.63
C VAL C 261 2.54 18.90 -13.43
N ILE C 262 1.84 19.45 -14.44
CA ILE C 262 1.37 20.85 -14.40
C ILE C 262 0.47 21.10 -13.18
N PHE C 263 -0.43 20.14 -12.93
CA PHE C 263 -1.28 20.28 -11.76
C PHE C 263 -0.42 20.32 -10.48
N LEU C 264 0.50 19.36 -10.31
CA LEU C 264 1.30 19.26 -9.09
C LEU C 264 2.18 20.49 -8.85
N VAL C 265 2.63 21.18 -9.91
CA VAL C 265 3.44 22.38 -9.68
C VAL C 265 2.62 23.65 -9.46
N SER C 266 1.33 23.56 -9.76
CA SER C 266 0.43 24.71 -9.75
C SER C 266 0.02 25.13 -8.34
N GLY C 267 -0.57 26.33 -8.25
CA GLY C 267 -1.22 26.81 -7.04
C GLY C 267 -2.41 25.96 -6.56
N SER C 268 -2.98 25.16 -7.47
CA SER C 268 -4.07 24.22 -7.13
C SER C 268 -3.60 23.00 -6.37
N ALA C 269 -2.29 22.90 -6.15
CA ALA C 269 -1.73 21.75 -5.42
C ALA C 269 -0.87 22.20 -4.23
N GLN C 270 -1.11 23.41 -3.71
CA GLN C 270 -0.17 23.94 -2.71
CA GLN C 270 -0.23 23.99 -2.67
C GLN C 270 -0.21 23.26 -1.31
N TYR C 271 -1.21 22.40 -1.06
CA TYR C 271 -1.23 21.62 0.18
C TYR C 271 -0.82 20.16 -0.08
N ILE C 272 -0.47 19.83 -1.32
CA ILE C 272 -0.14 18.43 -1.73
C ILE C 272 1.38 18.24 -1.67
N THR C 273 1.82 17.31 -0.82
CA THR C 273 3.20 16.90 -0.79
C THR C 273 3.26 15.44 -0.38
N GLY C 274 4.20 14.70 -0.97
CA GLY C 274 4.36 13.28 -0.68
C GLY C 274 3.32 12.42 -1.42
N SER C 275 2.61 12.99 -2.39
CA SER C 275 1.59 12.25 -3.16
C SER C 275 2.12 11.81 -4.48
N ILE C 276 1.72 10.61 -4.90
CA ILE C 276 2.08 10.10 -6.21
C ILE C 276 0.78 9.87 -6.96
N ILE C 277 0.59 10.58 -8.07
CA ILE C 277 -0.64 10.47 -8.86
C ILE C 277 -0.41 9.47 -10.01
N LYS C 278 -1.13 8.35 -9.98
CA LYS C 278 -1.08 7.41 -11.14
CA LYS C 278 -1.13 7.39 -11.07
C LYS C 278 -1.81 8.02 -12.30
N VAL C 279 -1.19 7.88 -13.47
CA VAL C 279 -1.81 8.31 -14.74
C VAL C 279 -1.65 7.12 -15.68
N ASP C 280 -2.52 6.12 -15.48
CA ASP C 280 -2.32 4.80 -16.07
C ASP C 280 -3.57 4.17 -16.72
N GLY C 281 -4.65 4.94 -16.80
CA GLY C 281 -5.88 4.45 -17.49
C GLY C 281 -6.48 3.25 -16.80
N GLY C 282 -6.12 3.04 -15.52
CA GLY C 282 -6.59 1.88 -14.76
C GLY C 282 -5.74 0.61 -14.86
N LEU C 283 -4.61 0.65 -15.60
CA LEU C 283 -3.84 -0.57 -15.87
C LEU C 283 -3.41 -1.31 -14.60
N SER C 284 -3.00 -0.56 -13.57
CA SER C 284 -2.55 -1.19 -12.33
C SER C 284 -3.64 -1.91 -11.57
N LEU C 285 -4.91 -1.63 -11.91
CA LEU C 285 -6.04 -2.30 -11.27
C LEU C 285 -6.33 -3.67 -11.86
N VAL C 286 -5.66 -4.03 -12.97
CA VAL C 286 -6.07 -5.20 -13.74
C VAL C 286 -5.30 -6.44 -13.27
N HIS C 287 -6.02 -7.46 -12.81
CA HIS C 287 -5.35 -8.67 -12.36
C HIS C 287 -4.80 -9.48 -13.56
N ALA C 288 -3.93 -10.44 -13.24
CA ALA C 288 -3.34 -11.36 -14.23
C ALA C 288 -4.35 -12.12 -15.03
N GLU D 22 -26.04 22.63 -22.70
CA GLU D 22 -24.58 22.81 -23.01
C GLU D 22 -23.68 22.73 -21.77
N ALA D 23 -24.10 23.33 -20.64
CA ALA D 23 -23.31 23.24 -19.40
C ALA D 23 -23.45 21.85 -18.78
N PRO D 24 -22.31 21.25 -18.38
CA PRO D 24 -22.39 19.96 -17.68
C PRO D 24 -23.02 20.12 -16.29
N ALA D 25 -23.45 19.00 -15.68
CA ALA D 25 -24.09 19.05 -14.34
C ALA D 25 -23.37 18.07 -13.39
N ALA D 26 -23.33 18.46 -12.12
CA ALA D 26 -22.68 17.64 -11.06
C ALA D 26 -23.59 17.47 -9.87
N VAL D 27 -23.55 16.30 -9.25
CA VAL D 27 -24.17 16.08 -7.94
C VAL D 27 -23.06 16.10 -6.91
N VAL D 28 -23.23 16.87 -5.85
CA VAL D 28 -22.28 16.87 -4.70
C VAL D 28 -23.08 16.48 -3.47
N THR D 29 -22.71 15.38 -2.80
CA THR D 29 -23.42 15.01 -1.56
C THR D 29 -22.85 15.72 -0.35
N GLY D 30 -23.71 15.98 0.61
CA GLY D 30 -23.31 16.75 1.80
C GLY D 30 -22.70 18.10 1.42
N ALA D 31 -23.40 18.83 0.53
CA ALA D 31 -22.84 20.05 -0.07
C ALA D 31 -23.23 21.39 0.62
N ALA D 32 -24.01 21.35 1.68
CA ALA D 32 -24.45 22.61 2.36
C ALA D 32 -23.34 23.36 3.10
N LYS D 33 -22.32 22.64 3.56
CA LYS D 33 -21.32 23.23 4.44
C LYS D 33 -19.94 22.68 4.12
N ARG D 34 -18.92 23.41 4.59
CA ARG D 34 -17.56 22.88 4.73
C ARG D 34 -16.99 22.39 3.38
N ILE D 35 -16.42 21.17 3.33
CA ILE D 35 -15.74 20.76 2.12
C ILE D 35 -16.71 20.59 0.94
N GLY D 36 -17.89 20.00 1.19
CA GLY D 36 -18.83 19.77 0.08
C GLY D 36 -19.34 21.10 -0.51
N ARG D 37 -19.51 22.09 0.36
CA ARG D 37 -19.88 23.44 -0.11
C ARG D 37 -18.78 24.03 -1.01
N ALA D 38 -17.51 23.92 -0.57
CA ALA D 38 -16.42 24.44 -1.36
C ALA D 38 -16.31 23.70 -2.71
N ILE D 39 -16.57 22.39 -2.75
CA ILE D 39 -16.59 21.65 -4.01
C ILE D 39 -17.70 22.14 -4.93
N ALA D 40 -18.90 22.30 -4.38
CA ALA D 40 -20.04 22.78 -5.17
C ALA D 40 -19.74 24.18 -5.76
N VAL D 41 -19.26 25.07 -4.90
CA VAL D 41 -18.85 26.43 -5.35
C VAL D 41 -17.83 26.38 -6.47
N LYS D 42 -16.75 25.60 -6.32
CA LYS D 42 -15.74 25.57 -7.37
C LYS D 42 -16.22 24.92 -8.66
N LEU D 43 -17.02 23.84 -8.56
CA LEU D 43 -17.62 23.27 -9.77
C LEU D 43 -18.47 24.32 -10.48
N HIS D 44 -19.24 25.06 -9.68
CA HIS D 44 -20.14 26.10 -10.25
C HIS D 44 -19.31 27.19 -10.95
N GLN D 45 -18.23 27.60 -10.31
CA GLN D 45 -17.30 28.60 -10.90
C GLN D 45 -16.66 28.10 -12.19
N THR D 46 -16.50 26.78 -12.32
CA THR D 46 -15.92 26.13 -13.48
C THR D 46 -16.90 26.02 -14.64
N GLY D 47 -18.20 26.22 -14.37
CA GLY D 47 -19.22 26.13 -15.41
C GLY D 47 -20.28 25.05 -15.23
N TYR D 48 -20.18 24.27 -14.15
CA TYR D 48 -21.20 23.24 -13.88
C TYR D 48 -22.48 23.82 -13.28
N ARG D 49 -23.57 23.19 -13.67
CA ARG D 49 -24.84 23.23 -12.91
C ARG D 49 -24.72 22.18 -11.79
N VAL D 50 -25.25 22.51 -10.61
CA VAL D 50 -25.02 21.67 -9.39
CA VAL D 50 -25.00 21.69 -9.40
C VAL D 50 -26.29 21.28 -8.67
N VAL D 51 -26.36 19.98 -8.28
CA VAL D 51 -27.30 19.50 -7.28
C VAL D 51 -26.60 19.52 -5.95
N ILE D 52 -27.10 20.34 -5.05
CA ILE D 52 -26.61 20.45 -3.66
C ILE D 52 -27.41 19.49 -2.80
N HIS D 53 -26.88 18.28 -2.59
CA HIS D 53 -27.54 17.36 -1.68
C HIS D 53 -27.27 17.76 -0.21
N TYR D 54 -28.26 17.55 0.66
CA TYR D 54 -28.09 17.77 2.09
C TYR D 54 -28.99 16.80 2.86
N HIS D 55 -28.76 16.67 4.16
CA HIS D 55 -29.58 15.84 5.00
C HIS D 55 -30.31 16.75 6.01
N ASN D 56 -29.57 17.31 6.98
CA ASN D 56 -30.19 18.20 7.99
C ASN D 56 -30.01 19.68 7.71
N SER D 57 -29.03 20.08 6.91
CA SER D 57 -28.70 21.50 6.82
C SER D 57 -29.50 22.18 5.69
N ALA D 58 -30.83 22.27 5.87
CA ALA D 58 -31.74 22.82 4.85
C ALA D 58 -31.49 24.30 4.55
N GLU D 59 -31.38 25.11 5.60
CA GLU D 59 -31.17 26.55 5.45
C GLU D 59 -29.87 26.87 4.71
N ALA D 60 -28.76 26.23 5.12
CA ALA D 60 -27.47 26.40 4.45
C ALA D 60 -27.49 25.93 2.98
N ALA D 61 -28.16 24.81 2.72
CA ALA D 61 -28.31 24.29 1.35
C ALA D 61 -29.05 25.27 0.43
N VAL D 62 -30.20 25.72 0.90
CA VAL D 62 -31.04 26.69 0.16
C VAL D 62 -30.30 28.02 -0.01
N SER D 63 -29.61 28.47 1.02
CA SER D 63 -28.79 29.69 0.93
C SER D 63 -27.67 29.58 -0.11
N LEU D 64 -26.98 28.45 -0.15
CA LEU D 64 -26.00 28.22 -1.22
C LEU D 64 -26.63 28.22 -2.61
N ALA D 65 -27.74 27.50 -2.79
CA ALA D 65 -28.41 27.44 -4.10
C ALA D 65 -28.81 28.86 -4.53
N ASP D 66 -29.31 29.64 -3.59
CA ASP D 66 -29.66 31.06 -3.88
C ASP D 66 -28.48 31.88 -4.37
N GLU D 67 -27.34 31.75 -3.70
CA GLU D 67 -26.11 32.42 -4.08
C GLU D 67 -25.66 32.01 -5.49
N LEU D 68 -25.69 30.71 -5.79
CA LEU D 68 -25.25 30.22 -7.09
C LEU D 68 -26.21 30.64 -8.21
N ASN D 69 -27.50 30.61 -7.91
CA ASN D 69 -28.51 31.05 -8.86
C ASN D 69 -28.48 32.56 -9.12
N LYS D 70 -28.12 33.35 -8.10
CA LYS D 70 -27.93 34.82 -8.30
C LYS D 70 -26.80 35.07 -9.28
N GLU D 71 -25.74 34.25 -9.20
CA GLU D 71 -24.65 34.29 -10.17
C GLU D 71 -25.06 33.86 -11.60
N ARG D 72 -25.68 32.68 -11.76
CA ARG D 72 -26.21 32.26 -13.07
C ARG D 72 -27.56 31.61 -12.82
N SER D 73 -28.66 32.21 -13.31
CA SER D 73 -29.99 31.66 -13.05
CA SER D 73 -29.98 31.64 -12.99
C SER D 73 -30.12 30.21 -13.51
N ASN D 74 -30.86 29.41 -12.73
CA ASN D 74 -31.21 28.02 -13.10
C ASN D 74 -29.99 27.10 -13.19
N THR D 75 -29.05 27.29 -12.28
CA THR D 75 -27.84 26.47 -12.33
C THR D 75 -27.60 25.69 -11.03
N ALA D 76 -28.51 25.82 -10.08
CA ALA D 76 -28.41 25.11 -8.78
C ALA D 76 -29.76 24.69 -8.26
N VAL D 77 -29.84 23.44 -7.77
CA VAL D 77 -31.02 22.94 -7.05
C VAL D 77 -30.52 22.24 -5.81
N VAL D 78 -31.38 22.11 -4.80
CA VAL D 78 -31.09 21.30 -3.61
C VAL D 78 -31.85 19.96 -3.70
N CYS D 79 -31.35 18.96 -2.97
CA CYS D 79 -32.04 17.65 -2.94
C CYS D 79 -31.79 17.07 -1.57
N GLN D 80 -32.84 16.77 -0.81
CA GLN D 80 -32.68 16.31 0.57
C GLN D 80 -32.71 14.77 0.58
N ALA D 81 -31.76 14.16 1.34
CA ALA D 81 -31.81 12.70 1.58
C ALA D 81 -30.96 12.27 2.75
N ASP D 82 -31.49 11.30 3.52
CA ASP D 82 -30.72 10.59 4.52
C ASP D 82 -29.95 9.51 3.79
N LEU D 83 -28.62 9.47 4.02
CA LEU D 83 -27.76 8.46 3.38
C LEU D 83 -27.35 7.31 4.33
N THR D 84 -28.05 7.22 5.48
CA THR D 84 -27.94 6.06 6.38
C THR D 84 -28.39 4.82 5.63
N ASN D 85 -27.70 3.69 5.83
CA ASN D 85 -28.14 2.48 5.18
C ASN D 85 -29.53 1.99 5.71
N SER D 86 -30.34 1.54 4.76
CA SER D 86 -31.66 0.91 5.04
C SER D 86 -32.18 0.34 3.74
N ASN D 87 -33.33 -0.33 3.80
CA ASN D 87 -33.88 -0.92 2.60
C ASN D 87 -34.41 0.10 1.61
N VAL D 88 -34.51 1.37 2.04
CA VAL D 88 -34.90 2.43 1.08
CA VAL D 88 -34.94 2.50 1.20
C VAL D 88 -33.75 3.29 0.63
N LEU D 89 -32.54 2.99 1.13
CA LEU D 89 -31.39 3.77 0.62
C LEU D 89 -31.20 3.70 -0.91
N PRO D 90 -31.39 2.52 -1.57
CA PRO D 90 -31.27 2.52 -3.05
C PRO D 90 -32.26 3.50 -3.72
N ALA D 91 -33.49 3.56 -3.24
CA ALA D 91 -34.43 4.53 -3.77
C ALA D 91 -34.00 5.97 -3.57
N SER D 92 -33.45 6.29 -2.39
CA SER D 92 -32.99 7.66 -2.09
C SER D 92 -31.83 8.05 -3.01
N CYS D 93 -30.94 7.09 -3.24
CA CYS D 93 -29.78 7.34 -4.11
C CYS D 93 -30.20 7.48 -5.55
N GLU D 94 -31.12 6.64 -6.01
CA GLU D 94 -31.71 6.82 -7.34
C GLU D 94 -32.37 8.20 -7.47
N GLU D 95 -33.08 8.65 -6.43
CA GLU D 95 -33.69 9.98 -6.46
C GLU D 95 -32.71 11.13 -6.56
N ILE D 96 -31.55 11.01 -5.90
CA ILE D 96 -30.53 12.05 -5.98
C ILE D 96 -30.05 12.21 -7.42
N ILE D 97 -29.76 11.08 -8.07
CA ILE D 97 -29.34 11.11 -9.48
C ILE D 97 -30.49 11.60 -10.35
N ASN D 98 -31.69 11.08 -10.09
CA ASN D 98 -32.87 11.53 -10.86
C ASN D 98 -33.10 13.03 -10.75
N SER D 99 -32.80 13.63 -9.59
CA SER D 99 -32.96 15.08 -9.37
CA SER D 99 -32.98 15.07 -9.41
C SER D 99 -32.08 15.89 -10.31
N CYS D 100 -30.87 15.37 -10.60
CA CYS D 100 -29.99 16.03 -11.52
C CYS D 100 -30.52 15.97 -12.95
N PHE D 101 -31.01 14.81 -13.37
CA PHE D 101 -31.61 14.68 -14.70
C PHE D 101 -32.88 15.54 -14.82
N ARG D 102 -33.70 15.56 -13.76
CA ARG D 102 -34.91 16.40 -13.79
CA ARG D 102 -34.92 16.40 -13.74
C ARG D 102 -34.61 17.88 -13.97
N ALA D 103 -33.65 18.42 -13.21
CA ALA D 103 -33.30 19.82 -13.26
C ALA D 103 -32.50 20.19 -14.50
N PHE D 104 -31.58 19.32 -14.93
CA PHE D 104 -30.57 19.72 -15.92
C PHE D 104 -30.45 18.88 -17.18
N GLY D 105 -31.14 17.75 -17.23
CA GLY D 105 -31.20 16.89 -18.42
C GLY D 105 -30.00 16.00 -18.64
N ARG D 106 -29.08 16.00 -17.66
CA ARG D 106 -27.80 15.25 -17.78
C ARG D 106 -27.16 15.19 -16.40
N CYS D 107 -26.19 14.28 -16.24
CA CYS D 107 -25.44 14.20 -14.98
C CYS D 107 -24.04 13.72 -15.32
N ASP D 108 -23.09 14.64 -15.27
CA ASP D 108 -21.72 14.39 -15.76
C ASP D 108 -20.78 13.97 -14.65
N VAL D 109 -21.01 14.48 -13.46
CA VAL D 109 -20.07 14.32 -12.35
C VAL D 109 -20.85 13.96 -11.08
N LEU D 110 -20.32 12.99 -10.33
CA LEU D 110 -20.85 12.65 -8.99
C LEU D 110 -19.70 12.81 -8.01
N VAL D 111 -19.90 13.61 -6.98
CA VAL D 111 -18.89 13.73 -5.88
C VAL D 111 -19.52 13.17 -4.62
N ASN D 112 -18.92 12.07 -4.13
CA ASN D 112 -19.38 11.41 -2.90
C ASN D 112 -18.63 12.01 -1.74
N ASN D 113 -19.21 13.05 -1.14
CA ASN D 113 -18.58 13.80 -0.09
C ASN D 113 -19.24 13.58 1.28
N ALA D 114 -20.57 13.36 1.32
CA ALA D 114 -21.28 13.22 2.62
C ALA D 114 -20.66 12.13 3.50
N SER D 115 -20.64 12.36 4.81
CA SER D 115 -19.96 11.41 5.68
C SER D 115 -20.35 11.59 7.12
N ALA D 116 -20.73 10.49 7.80
CA ALA D 116 -20.82 10.45 9.26
C ALA D 116 -19.47 10.09 9.85
N PHE D 117 -19.17 10.67 11.02
CA PHE D 117 -17.85 10.54 11.64
C PHE D 117 -18.01 10.69 13.13
N TYR D 118 -17.77 9.60 13.87
CA TYR D 118 -17.80 9.63 15.34
C TYR D 118 -17.23 8.29 15.80
N PRO D 119 -16.77 8.24 17.05
CA PRO D 119 -16.15 7.03 17.57
C PRO D 119 -17.16 5.92 17.88
N THR D 120 -16.68 4.69 17.72
CA THR D 120 -17.44 3.46 17.99
C THR D 120 -16.47 2.51 18.70
N PRO D 121 -16.21 2.71 20.03
CA PRO D 121 -15.21 1.86 20.73
C PRO D 121 -15.61 0.40 20.72
N LEU D 122 -14.59 -0.46 20.62
CA LEU D 122 -14.84 -1.91 20.62
C LEU D 122 -15.16 -2.43 22.00
N VAL D 123 -14.65 -1.77 23.03
CA VAL D 123 -14.91 -2.24 24.42
C VAL D 123 -15.70 -1.15 25.15
N GLN D 124 -16.80 -1.55 25.80
CA GLN D 124 -17.81 -0.61 26.38
C GLN D 124 -17.58 -0.27 27.85
N GLY D 133 -26.24 7.36 22.49
CA GLY D 133 -27.65 6.95 22.52
C GLY D 133 -28.03 5.96 21.43
N LYS D 134 -27.06 5.62 20.56
CA LYS D 134 -27.34 4.83 19.37
C LYS D 134 -27.00 3.36 19.56
N THR D 135 -27.84 2.50 19.03
CA THR D 135 -27.58 1.05 18.99
C THR D 135 -26.40 0.85 18.03
N VAL D 136 -25.71 -0.27 18.22
CA VAL D 136 -24.60 -0.61 17.31
C VAL D 136 -25.11 -0.80 15.85
N GLU D 137 -26.30 -1.34 15.64
CA GLU D 137 -26.79 -1.47 14.26
CA GLU D 137 -26.87 -1.47 14.29
C GLU D 137 -27.08 -0.10 13.60
N THR D 138 -27.55 0.88 14.38
CA THR D 138 -27.64 2.27 13.86
C THR D 138 -26.26 2.85 13.50
N GLN D 139 -25.27 2.64 14.36
CA GLN D 139 -23.92 3.13 14.07
C GLN D 139 -23.37 2.47 12.76
N VAL D 140 -23.57 1.18 12.63
CA VAL D 140 -23.19 0.50 11.36
C VAL D 140 -23.92 1.15 10.16
N ALA D 141 -25.24 1.30 10.28
CA ALA D 141 -26.03 1.88 9.20
C ALA D 141 -25.58 3.29 8.84
N GLU D 142 -25.27 4.12 9.84
CA GLU D 142 -24.82 5.49 9.57
C GLU D 142 -23.42 5.59 9.03
N LEU D 143 -22.47 4.93 9.69
CA LEU D 143 -21.07 5.07 9.32
C LEU D 143 -20.74 4.29 8.03
N ILE D 144 -21.21 3.06 7.91
CA ILE D 144 -20.97 2.27 6.67
C ILE D 144 -21.91 2.75 5.55
N GLY D 145 -23.14 3.12 5.91
CA GLY D 145 -24.06 3.68 4.87
C GLY D 145 -23.54 4.94 4.22
N THR D 146 -23.24 5.97 5.01
CA THR D 146 -22.81 7.25 4.42
C THR D 146 -21.47 7.17 3.70
N ASN D 147 -20.50 6.47 4.32
CA ASN D 147 -19.17 6.47 3.77
C ASN D 147 -18.93 5.46 2.66
N ALA D 148 -19.81 4.46 2.55
CA ALA D 148 -19.56 3.36 1.59
C ALA D 148 -20.77 2.91 0.79
N ILE D 149 -21.89 2.56 1.47
CA ILE D 149 -23.02 1.99 0.75
CA ILE D 149 -22.98 1.96 0.72
C ILE D 149 -23.71 3.02 -0.14
N ALA D 150 -23.94 4.21 0.42
CA ALA D 150 -24.54 5.29 -0.42
C ALA D 150 -23.64 5.63 -1.63
N PRO D 151 -22.32 5.78 -1.42
CA PRO D 151 -21.50 5.96 -2.62
C PRO D 151 -21.66 4.85 -3.66
N PHE D 152 -21.78 3.61 -3.22
CA PHE D 152 -21.95 2.48 -4.15
C PHE D 152 -23.27 2.59 -4.92
N LEU D 153 -24.33 2.88 -4.18
CA LEU D 153 -25.68 2.97 -4.81
C LEU D 153 -25.79 4.18 -5.73
N LEU D 154 -25.21 5.29 -5.28
CA LEU D 154 -25.08 6.47 -6.14
C LEU D 154 -24.30 6.21 -7.40
N THR D 155 -23.21 5.45 -7.27
CA THR D 155 -22.44 5.04 -8.43
C THR D 155 -23.25 4.17 -9.40
N MET D 156 -23.96 3.18 -8.85
CA MET D 156 -24.87 2.34 -9.67
CA MET D 156 -24.83 2.35 -9.67
C MET D 156 -25.87 3.20 -10.43
N SER D 157 -26.52 4.12 -9.71
CA SER D 157 -27.59 4.91 -10.33
C SER D 157 -27.00 5.87 -11.35
N PHE D 158 -25.86 6.47 -11.02
CA PHE D 158 -25.16 7.34 -11.99
C PHE D 158 -24.85 6.58 -13.28
N ALA D 159 -24.26 5.39 -13.15
CA ALA D 159 -23.82 4.62 -14.31
C ALA D 159 -25.03 4.16 -15.15
N GLN D 160 -26.08 3.73 -14.47
CA GLN D 160 -27.25 3.14 -15.14
C GLN D 160 -27.94 4.20 -15.99
N ARG D 161 -27.92 5.45 -15.52
CA ARG D 161 -28.59 6.54 -16.24
C ARG D 161 -27.79 7.06 -17.45
N GLN D 162 -26.51 6.68 -17.57
CA GLN D 162 -25.72 7.15 -18.71
C GLN D 162 -26.03 6.35 -19.98
N SER D 172 -18.05 13.49 -24.12
CA SER D 172 -18.16 14.23 -22.86
C SER D 172 -17.12 13.70 -21.86
N ASN D 173 -17.24 14.09 -20.59
CA ASN D 173 -16.17 13.76 -19.63
C ASN D 173 -16.85 13.37 -18.33
N LEU D 174 -17.30 12.12 -18.29
CA LEU D 174 -18.04 11.61 -17.13
C LEU D 174 -17.07 11.12 -16.06
N SER D 175 -17.31 11.53 -14.81
CA SER D 175 -16.46 10.97 -13.71
C SER D 175 -17.08 11.06 -12.36
N ILE D 176 -16.51 10.26 -11.44
CA ILE D 176 -16.97 10.21 -10.08
C ILE D 176 -15.72 10.51 -9.23
N VAL D 177 -15.91 11.31 -8.20
CA VAL D 177 -14.80 11.57 -7.20
C VAL D 177 -15.31 11.21 -5.83
N ASN D 178 -14.58 10.32 -5.13
CA ASN D 178 -14.94 9.89 -3.76
C ASN D 178 -14.04 10.57 -2.76
N LEU D 179 -14.61 11.19 -1.71
CA LEU D 179 -13.80 11.80 -0.64
C LEU D 179 -13.40 10.71 0.33
N CYS D 180 -12.11 10.40 0.28
CA CYS D 180 -11.47 9.31 1.01
C CYS D 180 -10.81 9.90 2.26
N ASP D 181 -9.80 9.23 2.81
CA ASP D 181 -9.16 9.72 4.02
C ASP D 181 -7.71 9.29 3.97
N ALA D 182 -6.80 10.27 3.99
CA ALA D 182 -5.38 9.96 3.86
C ALA D 182 -4.83 9.12 5.02
N MET D 183 -5.57 9.12 6.14
CA MET D 183 -5.12 8.46 7.36
C MET D 183 -5.72 7.09 7.58
N VAL D 184 -6.24 6.50 6.51
CA VAL D 184 -6.99 5.23 6.62
C VAL D 184 -6.09 4.07 7.17
N ASP D 185 -4.79 4.18 6.96
CA ASP D 185 -3.87 3.14 7.48
C ASP D 185 -3.20 3.51 8.77
N GLN D 186 -3.50 4.70 9.29
CA GLN D 186 -2.98 5.12 10.59
C GLN D 186 -4.17 5.73 11.32
N PRO D 187 -5.13 4.88 11.69
CA PRO D 187 -6.43 5.45 12.03
C PRO D 187 -6.51 6.03 13.43
N CYS D 188 -7.51 6.88 13.64
CA CYS D 188 -7.78 7.34 15.01
C CYS D 188 -8.31 6.24 15.89
N MET D 189 -7.85 6.25 17.14
CA MET D 189 -8.25 5.31 18.15
C MET D 189 -9.76 5.29 18.31
N ALA D 190 -10.36 4.09 18.28
CA ALA D 190 -11.81 3.91 18.55
C ALA D 190 -12.76 4.34 17.43
N PHE D 191 -12.19 4.49 16.24
CA PHE D 191 -12.99 4.83 15.04
C PHE D 191 -13.08 3.64 14.07
N SER D 192 -13.25 2.41 14.58
CA SER D 192 -13.21 1.26 13.65
CA SER D 192 -13.29 1.21 13.70
C SER D 192 -14.30 1.30 12.56
N LEU D 193 -15.55 1.63 12.91
CA LEU D 193 -16.58 1.61 11.85
C LEU D 193 -16.36 2.68 10.80
N TYR D 194 -15.99 3.89 11.23
CA TYR D 194 -15.65 4.93 10.27
C TYR D 194 -14.52 4.45 9.36
N ASN D 195 -13.46 3.89 9.95
CA ASN D 195 -12.31 3.48 9.15
CA ASN D 195 -12.33 3.46 9.13
C ASN D 195 -12.66 2.32 8.20
N MET D 196 -13.50 1.41 8.66
CA MET D 196 -14.00 0.35 7.78
C MET D 196 -14.74 0.96 6.58
N GLY D 197 -15.58 1.98 6.84
CA GLY D 197 -16.32 2.61 5.75
C GLY D 197 -15.38 3.26 4.73
N LYS D 198 -14.39 3.99 5.23
CA LYS D 198 -13.44 4.66 4.31
C LYS D 198 -12.58 3.64 3.56
N HIS D 199 -12.18 2.53 4.20
CA HIS D 199 -11.49 1.46 3.45
C HIS D 199 -12.40 0.90 2.37
N ALA D 200 -13.66 0.67 2.71
CA ALA D 200 -14.61 0.18 1.69
C ALA D 200 -14.73 1.15 0.51
N LEU D 201 -14.64 2.46 0.80
CA LEU D 201 -14.72 3.47 -0.27
C LEU D 201 -13.51 3.40 -1.20
N VAL D 202 -12.33 3.04 -0.67
CA VAL D 202 -11.15 2.81 -1.54
C VAL D 202 -11.46 1.62 -2.47
N GLY D 203 -12.01 0.54 -1.90
CA GLY D 203 -12.38 -0.63 -2.72
C GLY D 203 -13.37 -0.28 -3.79
N LEU D 204 -14.36 0.53 -3.43
CA LEU D 204 -15.37 0.96 -4.43
C LEU D 204 -14.69 1.79 -5.54
N THR D 205 -13.82 2.72 -5.14
CA THR D 205 -13.09 3.56 -6.14
C THR D 205 -12.38 2.67 -7.17
N GLN D 206 -11.65 1.66 -6.69
N GLN D 206 -11.63 1.67 -6.68
CA GLN D 206 -10.91 0.78 -7.59
CA GLN D 206 -10.91 0.74 -7.55
C GLN D 206 -11.81 -0.15 -8.42
C GLN D 206 -11.85 -0.09 -8.41
N SER D 207 -12.79 -0.77 -7.77
CA SER D 207 -13.69 -1.69 -8.47
C SER D 207 -14.54 -0.95 -9.49
N ALA D 208 -15.07 0.22 -9.14
CA ALA D 208 -15.88 0.95 -10.10
C ALA D 208 -15.01 1.57 -11.23
N ALA D 209 -13.78 1.99 -10.92
CA ALA D 209 -12.90 2.47 -12.00
C ALA D 209 -12.71 1.35 -13.02
N LEU D 210 -12.44 0.14 -12.54
CA LEU D 210 -12.29 -1.01 -13.44
C LEU D 210 -13.52 -1.28 -14.31
N GLU D 211 -14.68 -1.36 -13.65
CA GLU D 211 -15.91 -1.80 -14.30
C GLU D 211 -16.55 -0.74 -15.18
N LEU D 212 -16.35 0.54 -14.84
CA LEU D 212 -17.00 1.62 -15.61
C LEU D 212 -16.12 2.24 -16.71
N ALA D 213 -14.84 1.88 -16.72
CA ALA D 213 -13.91 2.35 -17.80
C ALA D 213 -14.48 2.09 -19.21
N PRO D 214 -15.02 0.89 -19.49
CA PRO D 214 -15.55 0.74 -20.88
C PRO D 214 -16.72 1.67 -21.22
N TYR D 215 -17.36 2.28 -20.21
CA TYR D 215 -18.42 3.27 -20.47
C TYR D 215 -17.91 4.72 -20.52
N GLY D 216 -16.60 4.90 -20.42
CA GLY D 216 -16.01 6.23 -20.39
C GLY D 216 -16.19 6.98 -19.07
N ILE D 217 -16.53 6.27 -17.99
CA ILE D 217 -16.71 6.92 -16.69
C ILE D 217 -15.43 6.66 -15.88
N ARG D 218 -14.73 7.72 -15.49
CA ARG D 218 -13.52 7.61 -14.64
C ARG D 218 -13.98 7.67 -13.18
N VAL D 219 -13.27 6.98 -12.29
CA VAL D 219 -13.62 6.99 -10.87
C VAL D 219 -12.33 7.16 -10.07
N ASN D 220 -12.28 8.26 -9.30
CA ASN D 220 -11.06 8.61 -8.55
C ASN D 220 -11.40 9.07 -7.17
N GLY D 221 -10.37 9.33 -6.35
CA GLY D 221 -10.57 9.79 -5.00
C GLY D 221 -9.70 10.97 -4.63
N VAL D 222 -10.16 11.76 -3.67
CA VAL D 222 -9.34 12.80 -3.03
C VAL D 222 -9.34 12.47 -1.54
N ALA D 223 -8.14 12.42 -0.95
CA ALA D 223 -7.97 11.96 0.45
C ALA D 223 -7.35 13.08 1.32
N PRO D 224 -8.19 13.86 2.03
CA PRO D 224 -7.67 14.85 3.00
C PRO D 224 -6.99 14.16 4.19
N GLY D 225 -6.08 14.86 4.84
CA GLY D 225 -5.52 14.42 6.12
C GLY D 225 -6.31 15.14 7.20
N VAL D 226 -5.84 16.31 7.58
CA VAL D 226 -6.61 17.24 8.42
CA VAL D 226 -6.72 17.18 8.34
C VAL D 226 -7.01 18.41 7.54
N SER D 227 -8.31 18.66 7.40
CA SER D 227 -8.82 19.82 6.72
C SER D 227 -9.65 20.49 7.80
N LEU D 228 -10.81 21.02 7.44
CA LEU D 228 -11.63 21.74 8.43
C LEU D 228 -11.97 20.82 9.58
N LEU D 229 -11.55 21.24 10.77
CA LEU D 229 -11.66 20.40 11.95
C LEU D 229 -13.13 20.37 12.43
N PRO D 230 -13.54 19.32 13.17
CA PRO D 230 -14.95 19.25 13.58
C PRO D 230 -15.35 20.47 14.40
N VAL D 231 -16.58 20.95 14.17
CA VAL D 231 -17.16 22.06 14.93
C VAL D 231 -17.09 21.82 16.47
N ALA D 232 -17.32 20.57 16.89
CA ALA D 232 -17.33 20.18 18.31
C ALA D 232 -15.95 20.27 19.00
N MET D 233 -14.88 20.23 18.22
CA MET D 233 -13.53 20.16 18.79
C MET D 233 -13.09 21.52 19.40
N GLY D 234 -12.50 21.48 20.58
CA GLY D 234 -11.93 22.69 21.24
C GLY D 234 -10.72 23.21 20.50
N GLU D 235 -10.39 24.50 20.70
CA GLU D 235 -9.25 25.15 20.01
CA GLU D 235 -9.27 25.11 19.97
C GLU D 235 -7.91 24.49 20.31
N GLU D 236 -7.69 24.13 21.60
CA GLU D 236 -6.42 23.50 22.02
C GLU D 236 -6.19 22.17 21.28
N GLU D 237 -7.25 21.37 21.14
CA GLU D 237 -7.18 20.14 20.39
C GLU D 237 -6.98 20.37 18.87
N LYS D 238 -7.68 21.36 18.30
CA LYS D 238 -7.44 21.74 16.89
C LYS D 238 -5.97 22.09 16.67
N ASP D 239 -5.39 22.85 17.59
CA ASP D 239 -3.99 23.23 17.49
C ASP D 239 -3.02 22.03 17.61
N LYS D 240 -3.39 21.05 18.43
CA LYS D 240 -2.62 19.79 18.56
C LYS D 240 -2.47 19.13 17.15
N TRP D 241 -3.58 19.05 16.43
CA TRP D 241 -3.57 18.41 15.11
CA TRP D 241 -3.59 18.42 15.09
C TRP D 241 -2.86 19.26 14.07
N ARG D 242 -3.09 20.58 14.11
CA ARG D 242 -2.38 21.49 13.19
C ARG D 242 -0.87 21.33 13.30
N ARG D 243 -0.34 21.17 14.51
CA ARG D 243 1.09 21.13 14.73
C ARG D 243 1.77 19.87 14.17
N LYS D 244 0.95 18.88 13.84
CA LYS D 244 1.48 17.61 13.31
CA LYS D 244 1.44 17.60 13.30
C LYS D 244 1.76 17.69 11.81
N VAL D 245 1.19 18.69 11.13
CA VAL D 245 1.28 18.75 9.64
C VAL D 245 2.62 19.37 9.17
N PRO D 246 3.46 18.59 8.46
CA PRO D 246 4.77 19.12 8.03
C PRO D 246 4.68 20.38 7.18
N LEU D 247 3.72 20.40 6.26
CA LEU D 247 3.67 21.52 5.30
C LEU D 247 2.80 22.65 5.87
N GLY D 248 3.44 23.52 6.66
CA GLY D 248 2.76 24.71 7.16
C GLY D 248 2.19 24.66 8.55
N ARG D 249 2.18 23.47 9.19
CA ARG D 249 1.60 23.32 10.51
C ARG D 249 0.18 23.89 10.56
N ARG D 250 -0.62 23.54 9.56
CA ARG D 250 -1.99 24.00 9.48
C ARG D 250 -2.78 22.95 8.73
N GLU D 251 -4.10 22.98 8.96
CA GLU D 251 -5.06 22.14 8.21
C GLU D 251 -5.26 22.64 6.77
N ALA D 252 -5.73 21.76 5.89
CA ALA D 252 -6.12 22.17 4.54
C ALA D 252 -7.37 23.04 4.60
N SER D 253 -7.39 24.09 3.81
CA SER D 253 -8.68 24.79 3.59
C SER D 253 -9.62 23.88 2.79
N ALA D 254 -10.93 24.13 2.91
CA ALA D 254 -11.88 23.43 2.07
C ALA D 254 -11.59 23.65 0.58
N GLU D 255 -11.14 24.86 0.23
CA GLU D 255 -10.85 25.18 -1.18
C GLU D 255 -9.67 24.37 -1.72
N GLN D 256 -8.71 24.10 -0.85
CA GLN D 256 -7.57 23.26 -1.27
C GLN D 256 -8.00 21.84 -1.58
N ILE D 257 -8.94 21.31 -0.80
CA ILE D 257 -9.48 19.95 -1.12
C ILE D 257 -10.27 20.04 -2.43
N ALA D 258 -11.10 21.08 -2.55
CA ALA D 258 -11.89 21.22 -3.79
C ALA D 258 -11.03 21.33 -5.06
N ASP D 259 -9.87 21.97 -4.93
CA ASP D 259 -8.97 22.12 -6.08
C ASP D 259 -8.59 20.75 -6.65
N ALA D 260 -8.36 19.74 -5.77
CA ALA D 260 -8.00 18.41 -6.28
C ALA D 260 -9.19 17.73 -6.97
N VAL D 261 -10.40 17.97 -6.44
CA VAL D 261 -11.62 17.49 -7.09
C VAL D 261 -11.78 18.08 -8.49
N ILE D 262 -11.57 19.41 -8.58
CA ILE D 262 -11.64 20.08 -9.89
C ILE D 262 -10.65 19.49 -10.92
N PHE D 263 -9.42 19.22 -10.47
CA PHE D 263 -8.47 18.60 -11.35
C PHE D 263 -8.98 17.26 -11.86
N LEU D 264 -9.49 16.41 -10.95
CA LEU D 264 -9.83 15.05 -11.36
C LEU D 264 -11.05 15.00 -12.31
N VAL D 265 -11.94 15.99 -12.21
CA VAL D 265 -13.08 16.00 -13.15
C VAL D 265 -12.76 16.66 -14.47
N SER D 266 -11.62 17.35 -14.52
CA SER D 266 -11.22 18.19 -15.70
C SER D 266 -10.73 17.37 -16.90
N GLY D 267 -10.62 18.02 -18.06
CA GLY D 267 -10.00 17.41 -19.22
C GLY D 267 -8.50 17.13 -19.07
N SER D 268 -7.88 17.69 -18.04
CA SER D 268 -6.46 17.44 -17.73
C SER D 268 -6.24 16.13 -16.98
N ALA D 269 -7.33 15.40 -16.70
CA ALA D 269 -7.25 14.11 -15.97
C ALA D 269 -7.90 12.97 -16.77
N GLN D 270 -7.99 13.13 -18.09
CA GLN D 270 -8.77 12.17 -18.88
CA GLN D 270 -8.67 12.23 -19.03
C GLN D 270 -8.19 10.77 -19.01
N TYR D 271 -6.93 10.57 -18.59
CA TYR D 271 -6.36 9.21 -18.55
C TYR D 271 -6.22 8.70 -17.12
N ILE D 272 -6.75 9.47 -16.17
CA ILE D 272 -6.63 9.09 -14.74
C ILE D 272 -7.92 8.39 -14.30
N THR D 273 -7.77 7.14 -13.89
CA THR D 273 -8.88 6.45 -13.22
C THR D 273 -8.34 5.48 -12.19
N GLY D 274 -9.07 5.32 -11.10
CA GLY D 274 -8.65 4.46 -9.98
C GLY D 274 -7.56 5.07 -9.13
N SER D 275 -7.36 6.37 -9.24
CA SER D 275 -6.29 7.04 -8.48
C SER D 275 -6.88 7.80 -7.31
N ILE D 276 -6.19 7.76 -6.18
CA ILE D 276 -6.58 8.53 -5.01
C ILE D 276 -5.49 9.53 -4.69
N ILE D 277 -5.81 10.82 -4.76
CA ILE D 277 -4.83 11.87 -4.53
C ILE D 277 -4.89 12.30 -3.06
N LYS D 278 -3.81 12.12 -2.30
CA LYS D 278 -3.72 12.66 -0.92
C LYS D 278 -3.55 14.16 -1.01
N VAL D 279 -4.32 14.87 -0.20
CA VAL D 279 -4.15 16.32 -0.07
C VAL D 279 -4.00 16.52 1.46
N ASP D 280 -2.79 16.23 1.98
CA ASP D 280 -2.64 16.10 3.44
C ASP D 280 -1.43 16.83 4.00
N GLY D 281 -0.75 17.65 3.19
CA GLY D 281 0.42 18.41 3.72
C GLY D 281 1.52 17.55 4.31
N GLY D 282 1.55 16.27 3.90
CA GLY D 282 2.57 15.34 4.36
C GLY D 282 2.21 14.62 5.66
N LEU D 283 1.01 14.86 6.20
CA LEU D 283 0.62 14.29 7.52
C LEU D 283 0.78 12.76 7.61
N SER D 284 0.39 12.05 6.54
CA SER D 284 0.47 10.59 6.54
C SER D 284 1.89 10.06 6.51
N LEU D 285 2.86 10.92 6.20
CA LEU D 285 4.25 10.48 6.18
C LEU D 285 4.89 10.54 7.56
N VAL D 286 4.21 11.11 8.55
CA VAL D 286 4.83 11.40 9.88
C VAL D 286 4.65 10.20 10.81
N HIS D 287 5.75 9.62 11.29
CA HIS D 287 5.68 8.51 12.23
C HIS D 287 5.20 8.96 13.62
N ALA D 288 4.86 7.96 14.45
CA ALA D 288 4.41 8.16 15.84
C ALA D 288 5.41 8.99 16.64
PA NAP E . 22.68 -3.57 12.69
O1A NAP E . 23.17 -4.17 14.02
O2A NAP E . 22.49 -2.10 12.60
O5B NAP E . 23.59 -4.09 11.47
C5B NAP E . 23.75 -5.49 11.29
C4B NAP E . 25.11 -5.74 10.66
O4B NAP E . 25.21 -5.08 9.36
C3B NAP E . 26.29 -5.15 11.42
O3B NAP E . 26.65 -6.00 12.54
C2B NAP E . 27.38 -5.09 10.34
O2B NAP E . 28.37 -6.15 10.46
C1B NAP E . 26.56 -5.22 8.99
N9A NAP E . 27.01 -4.13 8.09
C8A NAP E . 26.93 -2.77 8.29
N7A NAP E . 27.60 -2.16 7.27
C5A NAP E . 28.14 -3.16 6.48
C6A NAP E . 29.00 -3.23 5.28
N6A NAP E . 29.41 -2.06 4.71
N1A NAP E . 29.33 -4.46 4.79
C2A NAP E . 28.91 -5.62 5.37
N3A NAP E . 28.14 -5.65 6.50
C4A NAP E . 27.75 -4.45 7.05
O3 NAP E . 21.28 -4.34 12.32
PN NAP E . 20.10 -4.77 13.33
O1N NAP E . 20.45 -6.09 13.96
O2N NAP E . 19.73 -3.63 14.20
O5D NAP E . 18.90 -4.96 12.25
C5D NAP E . 18.88 -6.15 11.43
C4D NAP E . 18.13 -5.86 10.13
O4D NAP E . 16.82 -5.40 10.51
C3D NAP E . 18.73 -4.71 9.29
O3D NAP E . 18.52 -5.01 7.90
C2D NAP E . 17.90 -3.51 9.70
O2D NAP E . 17.84 -2.46 8.74
C1D NAP E . 16.50 -4.15 9.93
N1N NAP E . 15.77 -3.34 10.90
C2N NAP E . 16.15 -3.27 12.22
C3N NAP E . 15.47 -2.45 13.12
C7N NAP E . 15.88 -2.34 14.56
O7N NAP E . 15.11 -1.81 15.37
N7N NAP E . 17.09 -2.84 14.92
C4N NAP E . 14.36 -1.71 12.71
C5N NAP E . 13.98 -1.81 11.35
C6N NAP E . 14.69 -2.62 10.45
P2B NAP E . 29.73 -6.02 11.37
O1X NAP E . 30.30 -7.39 11.13
O2X NAP E . 29.24 -5.72 12.76
O3X NAP E . 30.58 -4.95 10.73
CAG EVW F . 17.42 1.06 13.57
CAD EVW F . 18.13 0.41 12.64
SAC EVW F . 19.64 -0.35 12.72
CAA EVW F . 19.63 -0.80 11.07
NAB EVW F . 20.62 -1.45 10.39
NAF EVW F . 18.47 -0.37 10.54
CAE EVW F . 17.65 0.29 11.37
CAJ EVW F . 16.43 0.82 11.10
CAI EVW F . 15.66 1.50 12.04
CAH EVW F . 16.14 1.61 13.34
CAK EVW F . 15.48 2.35 14.33
OAP EVW F . 16.07 2.72 15.34
NAL EVW F . 14.39 3.03 13.97
CAM EVW F . 13.82 4.00 14.93
CAO EVW F . 14.62 5.15 14.96
CAQ EVW F . 15.40 5.53 13.89
CAR EVW F . 16.19 6.69 13.89
CAS EVW F . 16.22 7.51 15.01
CAU EVW F . 15.43 7.15 16.10
CAT EVW F . 14.64 5.99 16.08
CAN EVW F . 12.51 4.34 14.54
CAV EVW F . 11.66 4.98 15.44
CAZ EVW F . 10.37 5.34 15.05
CAY EVW F . 9.95 5.06 13.76
CAX EVW F . 10.80 4.43 12.86
CAW EVW F . 12.09 4.07 13.24
C ACT G . 24.67 -10.26 20.29
O ACT G . 23.75 -11.07 20.39
OXT ACT G . 24.53 -9.07 19.94
CH3 ACT G . 26.06 -10.76 20.63
C1 GOL H . 17.77 -1.42 29.54
O1 GOL H . 16.36 -1.18 29.68
C2 GOL H . 18.09 -1.71 28.07
O2 GOL H . 18.04 -0.50 27.30
C3 GOL H . 19.49 -2.31 27.99
O3 GOL H . 19.74 -2.64 26.61
PA NAP I . -16.30 -20.31 1.09
O1A NAP I . -16.25 -21.79 0.95
O2A NAP I . -16.76 -19.45 -0.05
O5B NAP I . -17.20 -19.86 2.33
C5B NAP I . -16.88 -20.32 3.63
C4B NAP I . -18.18 -20.45 4.41
O4B NAP I . -18.72 -19.16 4.63
C3B NAP I . -19.32 -21.25 3.78
O3B NAP I . -19.05 -22.65 3.89
C2B NAP I . -20.51 -20.71 4.58
O2B NAP I . -20.95 -21.62 5.64
C1B NAP I . -19.98 -19.39 5.18
N9A NAP I . -20.96 -18.33 4.87
C8A NAP I . -21.33 -17.88 3.62
N7A NAP I . -22.38 -17.03 3.74
C5A NAP I . -22.67 -16.98 5.09
C6A NAP I . -23.67 -16.27 5.92
N6A NAP I . -24.57 -15.47 5.33
N1A NAP I . -23.67 -16.50 7.24
C2A NAP I . -22.77 -17.33 7.84
N3A NAP I . -21.81 -18.01 7.18
C4A NAP I . -21.76 -17.86 5.82
O3 NAP I . -14.84 -19.77 1.59
PN NAP I . -13.38 -20.40 1.29
O1N NAP I . -13.16 -21.61 2.12
O2N NAP I . -13.20 -20.54 -0.23
O5D NAP I . -12.45 -19.17 1.76
C5D NAP I . -12.24 -18.97 3.17
C4D NAP I . -11.87 -17.49 3.39
O4D NAP I . -10.73 -17.15 2.55
C3D NAP I . -12.99 -16.51 2.99
O3D NAP I . -13.01 -15.37 3.89
C2D NAP I . -12.58 -15.99 1.62
O2D NAP I . -13.08 -14.69 1.22
C1D NAP I . -11.05 -16.02 1.72
N1N NAP I . -10.46 -16.22 0.36
C2N NAP I . -10.61 -17.41 -0.27
C3N NAP I . -10.08 -17.59 -1.56
C7N NAP I . -10.18 -18.88 -2.30
O7N NAP I . -9.55 -18.97 -3.36
N7N NAP I . -10.95 -19.88 -1.83
C4N NAP I . -9.44 -16.51 -2.18
C5N NAP I . -9.31 -15.31 -1.50
C6N NAP I . -9.84 -15.14 -0.23
P2B NAP I . -22.04 -22.82 5.39
O1X NAP I . -22.12 -23.45 6.76
O2X NAP I . -21.42 -23.70 4.35
O3X NAP I . -23.31 -22.12 4.93
CAG EVW J . -12.96 -17.24 -4.14
CAD EVW J . -13.58 -16.94 -2.98
SAC EVW J . -14.67 -17.80 -2.04
CAA EVW J . -14.85 -16.63 -0.89
NAB EVW J . -15.65 -16.72 0.18
NAF EVW J . -14.07 -15.60 -1.21
CAE EVW J . -13.36 -15.76 -2.36
CAJ EVW J . -12.51 -14.90 -2.96
CAI EVW J . -11.86 -15.16 -4.16
CAH EVW J . -12.05 -16.39 -4.77
CAK EVW J . -11.48 -16.73 -6.03
OAP EVW J . -11.73 -17.82 -6.57
NAL EVW J . -10.96 -15.74 -6.76
CAM EVW J . -10.50 -15.98 -8.15
CAO EVW J . -11.59 -16.03 -9.05
CAQ EVW J . -11.66 -16.97 -10.07
CAR EVW J . -12.75 -16.99 -10.95
CAS EVW J . -13.80 -16.08 -10.84
CAU EVW J . -13.74 -15.15 -9.81
CAT EVW J . -12.66 -15.14 -8.92
CAN EVW J . -9.65 -14.92 -8.52
CAV EVW J . -9.46 -13.84 -7.67
CAZ EVW J . -8.61 -12.80 -8.03
CAY EVW J . -7.93 -12.81 -9.24
CAX EVW J . -8.12 -13.90 -10.10
CAW EVW J . -8.97 -14.94 -9.73
C ACT K . -26.73 -28.55 15.48
O ACT K . -26.57 -29.10 16.60
OXT ACT K . -26.38 -27.35 15.30
CH3 ACT K . -27.39 -29.28 14.35
C1 GOL L . -22.27 -29.80 18.60
C1 GOL L . -22.10 -33.10 17.64
O1 GOL L . -22.30 -28.81 19.64
O1 GOL L . -23.04 -34.17 17.74
C2 GOL L . -21.18 -30.84 18.73
C2 GOL L . -21.86 -32.54 19.03
O2 GOL L . -21.14 -31.22 20.11
O2 GOL L . -21.97 -33.61 19.97
C3 GOL L . -21.58 -32.05 17.88
C3 GOL L . -20.46 -31.97 19.11
O3 GOL L . -22.63 -32.75 18.56
O3 GOL L . -20.18 -31.53 20.45
C1 GOL M . -7.56 -33.68 14.70
O1 GOL M . -6.83 -33.47 15.94
C2 GOL M . -7.23 -34.93 13.89
O2 GOL M . -5.88 -34.92 13.42
C3 GOL M . -8.10 -34.91 12.66
O3 GOL M . -9.18 -35.83 12.86
C1 GOL N . -20.65 -17.01 -1.52
O1 GOL N . -22.03 -16.84 -1.28
C2 GOL N . -20.05 -18.38 -1.26
O2 GOL N . -19.36 -18.37 0.02
C3 GOL N . -19.09 -18.71 -2.40
O3 GOL N . -19.62 -18.39 -3.70
PA NAP O . 12.73 7.66 -21.98
O1A NAP O . 12.38 8.27 -23.31
O2A NAP O . 12.97 6.17 -21.84
O5B NAP O . 14.04 8.38 -21.41
C5B NAP O . 13.96 9.74 -21.01
C4B NAP O . 15.30 10.42 -21.17
O4B NAP O . 16.14 9.99 -20.11
C3B NAP O . 16.10 10.04 -22.43
O3B NAP O . 15.71 10.78 -23.60
C2B NAP O . 17.54 10.34 -22.02
O2B NAP O . 18.03 11.60 -22.55
C1B NAP O . 17.45 10.37 -20.48
N9A NAP O . 18.47 9.43 -20.00
C8A NAP O . 18.53 8.09 -20.09
N7A NAP O . 19.70 7.61 -19.57
C5A NAP O . 20.40 8.69 -19.16
C6A NAP O . 21.74 8.93 -18.54
N6A NAP O . 22.56 7.90 -18.21
N1A NAP O . 22.08 10.22 -18.31
C2A NAP O . 21.25 11.26 -18.59
N3A NAP O . 20.01 11.14 -19.16
C4A NAP O . 19.60 9.89 -19.46
O3 NAP O . 11.59 8.12 -20.93
PN NAP O . 10.01 8.26 -21.21
O1N NAP O . 9.49 6.98 -21.85
O2N NAP O . 9.81 9.60 -21.90
O5D NAP O . 9.51 8.33 -19.67
C5D NAP O . 9.74 9.48 -18.84
C4D NAP O . 9.59 9.06 -17.38
O4D NAP O . 8.36 8.34 -17.15
C3D NAP O . 10.70 8.12 -16.90
O3D NAP O . 11.11 8.48 -15.59
C2D NAP O . 10.08 6.73 -16.86
O2D NAP O . 10.68 5.71 -15.99
C1D NAP O . 8.63 7.08 -16.51
N1N NAP O . 7.73 6.08 -17.07
C2N NAP O . 7.43 6.08 -18.39
C3N NAP O . 6.58 5.10 -18.92
C7N NAP O . 6.23 5.05 -20.38
O7N NAP O . 5.23 4.43 -20.71
N7N NAP O . 6.97 5.67 -21.31
C4N NAP O . 6.03 4.18 -18.04
C5N NAP O . 6.34 4.20 -16.68
C6N NAP O . 7.20 5.18 -16.21
P2B NAP O . 18.95 11.77 -23.87
O1X NAP O . 17.95 11.29 -24.92
O2X NAP O . 19.30 13.21 -23.86
O3X NAP O . 20.19 10.95 -23.73
PA NAP P . -18.57 16.85 7.47
O1A NAP P . -18.80 18.33 7.61
O2A NAP P . -18.22 16.06 8.69
O5B NAP P . -19.82 16.12 6.78
C5B NAP P . -20.26 16.52 5.49
C4B NAP P . -21.79 16.41 5.41
O4B NAP P . -22.13 15.03 5.43
C3B NAP P . -22.59 16.96 6.58
O3B NAP P . -22.70 18.40 6.45
C2B NAP P . -23.92 16.19 6.48
O2B NAP P . -24.99 16.95 5.82
C1B NAP P . -23.52 14.96 5.62
N9A NAP P . -24.01 13.76 6.34
C8A NAP P . -23.66 13.27 7.58
N7A NAP P . -24.49 12.24 7.90
C5A NAP P . -25.36 12.07 6.85
C6A NAP P . -26.49 11.18 6.54
N6A NAP P . -26.87 10.23 7.42
N1A NAP P . -27.14 11.36 5.37
C2A NAP P . -26.77 12.31 4.48
N3A NAP P . -25.75 13.20 4.68
C4A NAP P . -25.06 13.11 5.86
O3 NAP P . -17.49 16.58 6.27
PN NAP P . -16.19 17.46 5.95
O1N NAP P . -16.66 18.63 5.12
O2N NAP P . -15.40 17.60 7.24
O5D NAP P . -15.37 16.40 5.04
C5D NAP P . -15.82 16.16 3.69
C4D NAP P . -15.34 14.77 3.27
O4D NAP P . -13.91 14.71 3.42
C3D NAP P . -15.91 13.64 4.12
O3D NAP P . -16.16 12.50 3.29
C2D NAP P . -14.78 13.32 5.10
O2D NAP P . -14.82 11.97 5.62
C1D NAP P . -13.54 13.61 4.26
N1N NAP P . -12.43 13.96 5.16
C2N NAP P . -12.44 15.14 5.85
C3N NAP P . -11.39 15.45 6.71
C7N NAP P . -11.41 16.73 7.48
O7N NAP P . -10.39 16.98 8.12
N7N NAP P . -12.53 17.52 7.51
C4N NAP P . -10.31 14.53 6.86
C5N NAP P . -10.34 13.33 6.15
C6N NAP P . -11.41 13.06 5.28
P2B NAP P . -26.04 17.94 6.60
O1X NAP P . -26.89 18.41 5.44
O2X NAP P . -25.13 18.94 7.27
O3X NAP P . -26.79 16.99 7.52
CAG EVW Q . -12.55 14.79 10.46
CAD EVW Q . -13.58 14.33 9.75
SAC EVW Q . -15.09 14.94 9.48
CAA EVW Q . -15.64 13.65 8.50
NAB EVW Q . -16.86 13.48 7.94
NAF EVW Q . -14.61 12.82 8.38
CAE EVW Q . -13.49 13.16 9.06
CAJ EVW Q . -12.33 12.48 9.11
CAI EVW Q . -11.23 12.91 9.83
CAH EVW Q . -11.32 14.13 10.51
CAK EVW Q . -10.29 14.58 11.33
OAP EVW Q . -10.52 15.42 12.20
NAL EVW Q . -9.24 13.77 11.50
CAM EVW Q . -8.26 14.10 12.56
CAO EVW Q . -8.79 13.75 13.81
CAQ EVW Q . -9.81 12.81 13.93
CAR EVW Q . -10.31 12.43 15.17
CAS EVW Q . -9.82 12.99 16.33
CAU EVW Q . -8.80 13.93 16.23
CAT EVW Q . -8.29 14.30 14.98
CAN EVW Q . -7.08 13.39 12.41
CAV EVW Q . -7.05 12.22 11.65
CAZ EVW Q . -5.86 11.51 11.54
CAY EVW Q . -4.70 11.95 12.17
CAX EVW Q . -4.73 13.12 12.93
CAW EVW Q . -5.92 13.83 13.05
C1 GOL R . -33.44 24.88 -5.08
C1 GOL R . -33.31 25.81 -4.72
O1 GOL R . -33.95 23.57 -5.28
O1 GOL R . -33.30 26.44 -3.43
C2 GOL R . -34.34 25.69 -4.17
C2 GOL R . -33.07 26.83 -5.83
O2 GOL R . -33.87 25.56 -2.82
O2 GOL R . -33.90 26.48 -6.95
C3 GOL R . -34.27 27.17 -4.57
C3 GOL R . -33.41 28.26 -5.39
O3 GOL R . -32.89 27.57 -4.52
O3 GOL R . -32.24 29.09 -5.40
#